data_2XK0
#
_entry.id   2XK0
#
_cell.length_a   1.000
_cell.length_b   1.000
_cell.length_c   1.000
_cell.angle_alpha   90.00
_cell.angle_beta   90.00
_cell.angle_gamma   90.00
#
_symmetry.space_group_name_H-M   'P 1'
#
_entity_poly.entity_id   1
_entity_poly.type   'polypeptide(L)'
_entity_poly.pdbx_seq_one_letter_code
;GAMAPPVAAPSPAVTYALQEDVFIKCNDGRFYLGTIIDQTSDQYLIRFDDQSEQWCEPDKLRKLGGGSS
;
_entity_poly.pdbx_strand_id   A
#
# COMPACT_ATOMS: atom_id res chain seq x y z
N GLY A 1 -2.72 12.54 -1.28
CA GLY A 1 -3.91 12.63 -2.12
C GLY A 1 -4.94 11.62 -1.70
N ALA A 2 -6.17 11.90 -2.00
CA ALA A 2 -7.27 11.04 -1.68
C ALA A 2 -7.88 10.52 -2.95
N MET A 3 -7.89 9.20 -3.09
CA MET A 3 -8.48 8.47 -4.26
C MET A 3 -7.62 8.57 -5.52
N ALA A 4 -7.13 9.75 -5.80
CA ALA A 4 -6.28 9.96 -6.94
C ALA A 4 -4.92 10.48 -6.49
N PRO A 5 -3.99 9.58 -6.15
CA PRO A 5 -2.63 9.96 -5.81
C PRO A 5 -1.83 10.25 -7.10
N PRO A 6 -0.83 11.15 -7.05
CA PRO A 6 -0.05 11.53 -8.23
C PRO A 6 0.84 10.40 -8.74
N VAL A 7 0.40 9.75 -9.81
CA VAL A 7 1.14 8.66 -10.44
C VAL A 7 1.02 8.74 -11.95
N ALA A 8 1.56 7.75 -12.64
CA ALA A 8 1.50 7.66 -14.10
C ALA A 8 0.42 6.67 -14.51
N ALA A 9 -0.58 6.58 -13.68
CA ALA A 9 -1.70 5.67 -13.86
C ALA A 9 -2.95 6.39 -13.38
N PRO A 10 -4.18 5.87 -13.69
CA PRO A 10 -5.46 6.48 -13.23
C PRO A 10 -5.61 6.46 -11.69
N SER A 11 -6.81 6.78 -11.21
CA SER A 11 -7.10 6.81 -9.78
C SER A 11 -7.15 5.37 -9.20
N PRO A 12 -6.14 4.98 -8.40
CA PRO A 12 -6.04 3.67 -7.78
C PRO A 12 -7.13 3.41 -6.74
N ALA A 13 -7.67 2.22 -6.76
CA ALA A 13 -8.65 1.81 -5.80
C ALA A 13 -8.35 0.40 -5.39
N VAL A 14 -7.46 0.26 -4.46
CA VAL A 14 -7.03 -1.03 -3.97
C VAL A 14 -7.18 -1.11 -2.46
N THR A 15 -7.40 -2.29 -1.98
CA THR A 15 -7.58 -2.49 -0.59
C THR A 15 -6.63 -3.57 -0.10
N TYR A 16 -6.33 -3.54 1.16
CA TYR A 16 -5.36 -4.43 1.73
C TYR A 16 -5.85 -4.88 3.08
N ALA A 17 -5.37 -6.00 3.54
CA ALA A 17 -5.76 -6.51 4.82
C ALA A 17 -4.65 -6.23 5.80
N LEU A 18 -4.99 -6.01 7.06
CA LEU A 18 -3.98 -5.78 8.09
C LEU A 18 -3.15 -7.03 8.29
N GLN A 19 -1.98 -6.86 8.89
CA GLN A 19 -1.07 -7.97 9.24
C GLN A 19 -0.47 -8.61 7.98
N GLU A 20 -0.54 -7.89 6.90
CA GLU A 20 -0.04 -8.34 5.62
C GLU A 20 1.15 -7.47 5.25
N ASP A 21 2.20 -8.09 4.74
CA ASP A 21 3.38 -7.34 4.29
C ASP A 21 3.18 -6.86 2.88
N VAL A 22 3.54 -5.64 2.64
CA VAL A 22 3.44 -5.00 1.33
C VAL A 22 4.62 -4.08 1.14
N PHE A 23 5.01 -3.85 -0.10
CA PHE A 23 6.10 -2.92 -0.36
C PHE A 23 5.55 -1.51 -0.45
N ILE A 24 6.27 -0.56 0.13
CA ILE A 24 5.89 0.86 0.14
C ILE A 24 6.97 1.70 -0.44
N LYS A 25 6.61 2.49 -1.39
CA LYS A 25 7.52 3.41 -2.00
C LYS A 25 7.56 4.71 -1.21
N CYS A 26 8.74 5.16 -0.91
CA CYS A 26 8.89 6.46 -0.33
C CYS A 26 9.14 7.41 -1.50
N ASN A 27 9.03 8.70 -1.30
CA ASN A 27 9.17 9.68 -2.40
C ASN A 27 10.55 9.61 -3.06
N ASP A 28 11.52 9.09 -2.31
CA ASP A 28 12.88 8.95 -2.82
C ASP A 28 12.99 7.80 -3.86
N GLY A 29 11.95 7.00 -3.96
CA GLY A 29 11.91 5.95 -4.97
C GLY A 29 12.19 4.58 -4.41
N ARG A 30 12.65 4.53 -3.20
CA ARG A 30 12.94 3.27 -2.57
C ARG A 30 11.69 2.63 -2.02
N PHE A 31 11.64 1.31 -2.12
CA PHE A 31 10.56 0.53 -1.60
C PHE A 31 10.98 -0.16 -0.34
N TYR A 32 10.16 -0.04 0.64
CA TYR A 32 10.37 -0.61 1.93
C TYR A 32 9.26 -1.59 2.22
N LEU A 33 9.60 -2.79 2.61
CA LEU A 33 8.60 -3.77 2.94
C LEU A 33 8.11 -3.55 4.38
N GLY A 34 6.81 -3.55 4.56
CA GLY A 34 6.25 -3.36 5.86
C GLY A 34 4.95 -4.08 6.03
N THR A 35 4.51 -4.19 7.25
CA THR A 35 3.31 -4.89 7.61
C THR A 35 2.20 -3.87 7.93
N ILE A 36 1.05 -3.99 7.30
CA ILE A 36 -0.07 -3.07 7.52
C ILE A 36 -0.66 -3.27 8.91
N ILE A 37 -0.85 -2.18 9.64
CA ILE A 37 -1.44 -2.25 10.97
C ILE A 37 -2.82 -1.61 11.00
N ASP A 38 -3.06 -0.63 10.14
CA ASP A 38 -4.35 0.02 10.14
C ASP A 38 -4.63 0.54 8.76
N GLN A 39 -5.87 0.73 8.43
CA GLN A 39 -6.23 1.24 7.14
C GLN A 39 -7.29 2.31 7.25
N THR A 40 -7.26 3.21 6.32
CA THR A 40 -8.30 4.15 6.11
C THR A 40 -8.69 3.97 4.65
N SER A 41 -9.64 4.71 4.17
CA SER A 41 -10.01 4.59 2.77
C SER A 41 -8.99 5.32 1.87
N ASP A 42 -8.17 6.18 2.45
CA ASP A 42 -7.22 6.95 1.67
C ASP A 42 -5.79 6.49 1.86
N GLN A 43 -5.47 5.94 3.01
CA GLN A 43 -4.12 5.57 3.33
C GLN A 43 -4.09 4.30 4.12
N TYR A 44 -2.93 3.72 4.19
CA TYR A 44 -2.71 2.52 4.95
C TYR A 44 -1.54 2.74 5.87
N LEU A 45 -1.72 2.39 7.12
CA LEU A 45 -0.70 2.57 8.12
C LEU A 45 0.17 1.38 8.05
N ILE A 46 1.39 1.58 7.68
CA ILE A 46 2.31 0.50 7.51
C ILE A 46 3.38 0.54 8.57
N ARG A 47 3.61 -0.59 9.21
CA ARG A 47 4.67 -0.70 10.14
C ARG A 47 5.77 -1.44 9.44
N PHE A 48 6.83 -0.78 9.24
CA PHE A 48 7.91 -1.31 8.47
C PHE A 48 8.73 -2.27 9.26
N ASP A 49 9.70 -2.83 8.59
CA ASP A 49 10.64 -3.75 9.20
C ASP A 49 11.42 -3.03 10.32
N ASP A 50 11.59 -1.73 10.13
CA ASP A 50 12.28 -0.84 11.09
C ASP A 50 11.26 -0.36 12.15
N GLN A 51 10.07 -0.96 12.13
CA GLN A 51 8.99 -0.76 13.10
C GLN A 51 8.37 0.65 13.07
N SER A 52 8.75 1.44 12.08
CA SER A 52 8.14 2.74 11.92
C SER A 52 6.76 2.57 11.30
N GLU A 53 5.84 3.41 11.70
CA GLU A 53 4.49 3.36 11.20
C GLU A 53 4.21 4.64 10.44
N GLN A 54 3.76 4.50 9.23
CA GLN A 54 3.52 5.63 8.35
C GLN A 54 2.26 5.39 7.54
N TRP A 55 1.51 6.45 7.28
CA TRP A 55 0.32 6.36 6.47
C TRP A 55 0.73 6.56 5.05
N CYS A 56 0.65 5.53 4.31
CA CYS A 56 1.08 5.53 2.95
C CYS A 56 -0.14 5.39 2.06
N GLU A 57 -0.16 6.14 1.00
CA GLU A 57 -1.22 6.10 0.05
C GLU A 57 -1.21 4.81 -0.74
N PRO A 58 -2.37 4.35 -1.27
CA PRO A 58 -2.51 3.05 -1.92
C PRO A 58 -1.63 2.86 -3.16
N ASP A 59 -1.14 3.95 -3.72
CA ASP A 59 -0.25 3.91 -4.88
C ASP A 59 1.15 3.44 -4.47
N LYS A 60 1.47 3.62 -3.20
CA LYS A 60 2.79 3.28 -2.69
C LYS A 60 2.89 1.84 -2.32
N LEU A 61 1.77 1.21 -2.22
CA LEU A 61 1.69 -0.15 -1.74
C LEU A 61 1.59 -1.08 -2.89
N ARG A 62 2.37 -2.12 -2.83
CA ARG A 62 2.32 -3.13 -3.84
C ARG A 62 2.13 -4.47 -3.16
N LYS A 63 1.34 -5.32 -3.76
CA LYS A 63 1.01 -6.62 -3.20
C LYS A 63 2.19 -7.57 -3.37
N LEU A 64 2.39 -8.49 -2.44
CA LEU A 64 3.50 -9.42 -2.54
C LEU A 64 3.18 -10.60 -3.44
N GLY A 65 1.94 -11.01 -3.47
CA GLY A 65 1.58 -12.16 -4.26
C GLY A 65 0.41 -11.89 -5.14
N GLY A 66 0.51 -10.85 -5.95
CA GLY A 66 -0.54 -10.49 -6.87
C GLY A 66 -1.68 -9.76 -6.19
N GLY A 67 -2.38 -10.47 -5.34
CA GLY A 67 -3.49 -9.91 -4.62
C GLY A 67 -4.80 -10.04 -5.37
N SER A 68 -5.82 -10.46 -4.67
CA SER A 68 -7.14 -10.60 -5.25
C SER A 68 -7.97 -9.36 -4.91
N SER A 69 -7.34 -8.47 -4.20
CA SER A 69 -7.89 -7.23 -3.78
C SER A 69 -6.69 -6.33 -3.64
N GLY A 1 -1.95 12.28 -0.41
CA GLY A 1 -3.26 11.97 -0.98
C GLY A 1 -3.28 10.57 -1.49
N ALA A 2 -3.23 10.43 -2.83
CA ALA A 2 -3.17 9.15 -3.51
C ALA A 2 -3.09 9.37 -5.01
N MET A 3 -2.27 8.61 -5.69
CA MET A 3 -2.26 8.62 -7.14
C MET A 3 -3.29 7.63 -7.63
N ALA A 4 -4.52 8.05 -7.54
CA ALA A 4 -5.68 7.28 -7.88
C ALA A 4 -6.86 8.23 -7.90
N PRO A 5 -7.96 7.86 -8.55
CA PRO A 5 -9.22 8.61 -8.46
C PRO A 5 -9.80 8.50 -7.01
N PRO A 6 -10.96 9.16 -6.71
CA PRO A 6 -11.61 9.08 -5.39
C PRO A 6 -11.70 7.64 -4.85
N VAL A 7 -11.23 7.46 -3.64
CA VAL A 7 -11.20 6.15 -3.01
C VAL A 7 -12.57 5.78 -2.48
N ALA A 8 -12.82 4.45 -2.40
CA ALA A 8 -14.08 3.87 -1.91
C ALA A 8 -15.26 4.27 -2.81
N ALA A 9 -14.95 4.51 -4.04
CA ALA A 9 -15.89 4.91 -5.05
C ALA A 9 -15.80 3.88 -6.18
N PRO A 10 -16.72 3.88 -7.19
CA PRO A 10 -16.64 2.91 -8.33
C PRO A 10 -15.50 3.24 -9.33
N SER A 11 -14.57 4.02 -8.87
CA SER A 11 -13.42 4.42 -9.62
C SER A 11 -12.24 3.55 -9.19
N PRO A 12 -11.30 3.22 -10.10
CA PRO A 12 -10.19 2.31 -9.78
C PRO A 12 -9.29 2.80 -8.67
N ALA A 13 -8.92 1.89 -7.81
CA ALA A 13 -8.07 2.13 -6.67
C ALA A 13 -7.81 0.80 -6.03
N VAL A 14 -6.58 0.53 -5.70
CA VAL A 14 -6.26 -0.70 -5.04
C VAL A 14 -6.54 -0.62 -3.58
N THR A 15 -6.79 -1.74 -3.01
CA THR A 15 -7.08 -1.83 -1.63
C THR A 15 -6.24 -2.89 -0.96
N TYR A 16 -5.98 -2.68 0.31
CA TYR A 16 -5.11 -3.53 1.08
C TYR A 16 -5.77 -3.97 2.38
N ALA A 17 -5.28 -5.05 2.94
CA ALA A 17 -5.81 -5.60 4.17
C ALA A 17 -4.74 -5.56 5.24
N LEU A 18 -5.14 -5.48 6.51
CA LEU A 18 -4.18 -5.45 7.61
C LEU A 18 -3.43 -6.76 7.69
N GLN A 19 -2.28 -6.70 8.34
CA GLN A 19 -1.40 -7.84 8.57
C GLN A 19 -0.77 -8.35 7.28
N GLU A 20 -0.96 -7.60 6.22
CA GLU A 20 -0.41 -7.94 4.95
C GLU A 20 0.93 -7.25 4.80
N ASP A 21 1.86 -7.94 4.20
CA ASP A 21 3.19 -7.43 4.00
C ASP A 21 3.24 -6.89 2.61
N VAL A 22 3.66 -5.68 2.48
CA VAL A 22 3.66 -4.96 1.22
C VAL A 22 4.88 -4.06 1.09
N PHE A 23 5.30 -3.80 -0.13
CA PHE A 23 6.38 -2.88 -0.37
C PHE A 23 5.82 -1.47 -0.44
N ILE A 24 6.55 -0.53 0.15
CA ILE A 24 6.13 0.87 0.22
C ILE A 24 7.17 1.73 -0.43
N LYS A 25 6.75 2.38 -1.45
CA LYS A 25 7.52 3.31 -2.16
C LYS A 25 7.53 4.62 -1.42
N CYS A 26 8.70 5.10 -1.14
CA CYS A 26 8.84 6.39 -0.56
C CYS A 26 8.72 7.41 -1.70
N ASN A 27 8.60 8.67 -1.39
CA ASN A 27 8.41 9.73 -2.39
C ASN A 27 9.63 9.76 -3.33
N ASP A 28 10.77 9.33 -2.81
CA ASP A 28 12.01 9.28 -3.57
C ASP A 28 12.04 8.08 -4.56
N GLY A 29 11.12 7.13 -4.38
CA GLY A 29 11.05 6.00 -5.31
C GLY A 29 11.52 4.67 -4.74
N ARG A 30 12.14 4.68 -3.58
CA ARG A 30 12.65 3.45 -2.99
C ARG A 30 11.56 2.70 -2.22
N PHE A 31 11.63 1.39 -2.25
CA PHE A 31 10.62 0.54 -1.63
C PHE A 31 11.14 -0.08 -0.35
N TYR A 32 10.31 -0.01 0.65
CA TYR A 32 10.56 -0.62 1.94
C TYR A 32 9.43 -1.59 2.25
N LEU A 33 9.78 -2.77 2.66
CA LEU A 33 8.79 -3.81 2.96
C LEU A 33 8.30 -3.70 4.41
N GLY A 34 7.00 -3.54 4.56
CA GLY A 34 6.42 -3.42 5.87
C GLY A 34 5.10 -4.15 5.95
N THR A 35 4.55 -4.23 7.13
CA THR A 35 3.30 -4.90 7.36
C THR A 35 2.22 -3.87 7.71
N ILE A 36 1.05 -3.98 7.10
CA ILE A 36 -0.04 -3.02 7.35
C ILE A 36 -0.66 -3.27 8.71
N ILE A 37 -0.81 -2.21 9.49
CA ILE A 37 -1.41 -2.33 10.81
C ILE A 37 -2.76 -1.68 10.89
N ASP A 38 -2.96 -0.60 10.15
CA ASP A 38 -4.21 0.12 10.20
C ASP A 38 -4.50 0.68 8.84
N GLN A 39 -5.75 0.94 8.58
CA GLN A 39 -6.15 1.45 7.32
C GLN A 39 -7.16 2.55 7.51
N THR A 40 -7.12 3.49 6.63
CA THR A 40 -8.13 4.48 6.56
C THR A 40 -8.79 4.27 5.22
N SER A 41 -9.61 5.17 4.78
CA SER A 41 -10.23 4.99 3.50
C SER A 41 -9.25 5.30 2.38
N ASP A 42 -8.28 6.14 2.67
CA ASP A 42 -7.31 6.55 1.65
C ASP A 42 -5.99 5.86 1.84
N GLN A 43 -5.54 5.80 3.07
CA GLN A 43 -4.17 5.40 3.36
C GLN A 43 -4.07 4.20 4.24
N TYR A 44 -2.88 3.68 4.30
CA TYR A 44 -2.60 2.50 5.07
C TYR A 44 -1.42 2.76 5.96
N LEU A 45 -1.57 2.40 7.21
CA LEU A 45 -0.52 2.57 8.18
C LEU A 45 0.34 1.36 8.08
N ILE A 46 1.57 1.56 7.72
CA ILE A 46 2.48 0.47 7.52
C ILE A 46 3.53 0.47 8.61
N ARG A 47 3.76 -0.68 9.20
CA ARG A 47 4.77 -0.85 10.20
C ARG A 47 5.92 -1.58 9.59
N PHE A 48 7.03 -0.93 9.57
CA PHE A 48 8.24 -1.47 9.00
C PHE A 48 8.99 -2.25 10.06
N ASP A 49 10.09 -2.89 9.67
CA ASP A 49 10.87 -3.75 10.57
C ASP A 49 11.47 -2.97 11.72
N ASP A 50 11.70 -1.69 11.50
CA ASP A 50 12.29 -0.85 12.54
C ASP A 50 11.20 -0.27 13.44
N GLN A 51 10.00 -0.86 13.33
CA GLN A 51 8.80 -0.58 14.15
C GLN A 51 8.15 0.75 13.85
N SER A 52 8.61 1.41 12.81
CA SER A 52 8.05 2.68 12.41
C SER A 52 6.72 2.45 11.73
N GLU A 53 5.77 3.29 12.04
CA GLU A 53 4.45 3.22 11.44
C GLU A 53 4.26 4.48 10.63
N GLN A 54 3.94 4.34 9.39
CA GLN A 54 3.76 5.49 8.51
C GLN A 54 2.49 5.33 7.68
N TRP A 55 1.78 6.41 7.44
CA TRP A 55 0.59 6.36 6.60
C TRP A 55 1.01 6.55 5.18
N CYS A 56 0.92 5.51 4.44
CA CYS A 56 1.37 5.48 3.10
C CYS A 56 0.19 5.39 2.15
N GLU A 57 0.33 6.03 1.03
CA GLU A 57 -0.69 6.05 0.01
C GLU A 57 -0.74 4.72 -0.71
N PRO A 58 -1.91 4.35 -1.24
CA PRO A 58 -2.10 3.07 -1.92
C PRO A 58 -1.27 2.97 -3.19
N ASP A 59 -0.90 4.13 -3.74
CA ASP A 59 -0.02 4.18 -4.92
C ASP A 59 1.42 3.86 -4.55
N LYS A 60 1.71 3.83 -3.26
CA LYS A 60 3.05 3.53 -2.78
C LYS A 60 3.17 2.07 -2.41
N LEU A 61 2.06 1.44 -2.25
CA LEU A 61 2.00 0.08 -1.80
C LEU A 61 1.92 -0.85 -2.98
N ARG A 62 2.58 -1.97 -2.86
CA ARG A 62 2.55 -3.01 -3.88
C ARG A 62 2.37 -4.35 -3.17
N LYS A 63 1.47 -5.20 -3.67
CA LYS A 63 1.28 -6.50 -3.06
C LYS A 63 2.43 -7.43 -3.42
N LEU A 64 2.86 -8.27 -2.48
CA LEU A 64 3.97 -9.20 -2.73
C LEU A 64 3.47 -10.40 -3.52
N GLY A 65 2.25 -10.77 -3.26
CA GLY A 65 1.66 -11.90 -3.94
C GLY A 65 0.18 -11.96 -3.67
N GLY A 66 -0.48 -10.87 -3.95
CA GLY A 66 -1.89 -10.78 -3.69
C GLY A 66 -2.52 -9.64 -4.43
N GLY A 67 -2.31 -9.61 -5.75
CA GLY A 67 -2.82 -8.54 -6.62
C GLY A 67 -4.26 -8.22 -6.34
N SER A 68 -5.06 -9.24 -6.32
CA SER A 68 -6.45 -9.10 -5.97
C SER A 68 -6.75 -10.14 -4.91
N SER A 69 -6.64 -11.40 -5.30
CA SER A 69 -6.76 -12.60 -4.50
C SER A 69 -6.57 -13.70 -5.49
N GLY A 1 -9.52 13.86 -12.96
CA GLY A 1 -10.29 12.88 -12.19
C GLY A 1 -10.24 11.55 -12.87
N ALA A 2 -11.00 10.58 -12.35
CA ALA A 2 -11.08 9.21 -12.86
C ALA A 2 -9.74 8.48 -12.77
N MET A 3 -9.59 7.71 -11.72
CA MET A 3 -8.37 6.96 -11.50
C MET A 3 -8.37 5.73 -12.37
N ALA A 4 -7.54 5.76 -13.38
CA ALA A 4 -7.42 4.68 -14.31
C ALA A 4 -6.00 4.16 -14.23
N PRO A 5 -5.81 2.86 -14.43
CA PRO A 5 -4.48 2.28 -14.39
C PRO A 5 -3.64 2.76 -15.58
N PRO A 6 -2.33 3.03 -15.36
CA PRO A 6 -1.40 3.46 -16.42
C PRO A 6 -1.03 2.30 -17.39
N VAL A 7 -2.07 1.63 -17.90
CA VAL A 7 -1.98 0.48 -18.81
C VAL A 7 -1.43 -0.76 -18.10
N ALA A 8 -0.16 -0.71 -17.74
CA ALA A 8 0.47 -1.82 -17.07
C ALA A 8 0.37 -1.64 -15.57
N ALA A 9 -0.71 -2.14 -15.02
CA ALA A 9 -1.01 -2.03 -13.63
C ALA A 9 -2.09 -3.03 -13.28
N PRO A 10 -2.35 -3.28 -11.97
CA PRO A 10 -3.45 -4.16 -11.55
C PRO A 10 -4.82 -3.45 -11.74
N SER A 11 -5.81 -3.90 -11.01
CA SER A 11 -7.13 -3.32 -11.11
C SER A 11 -7.14 -1.87 -10.53
N PRO A 12 -7.97 -0.97 -11.07
CA PRO A 12 -8.07 0.39 -10.56
C PRO A 12 -8.56 0.40 -9.11
N ALA A 13 -7.93 1.25 -8.31
CA ALA A 13 -8.16 1.38 -6.88
C ALA A 13 -7.93 0.07 -6.15
N VAL A 14 -6.68 -0.24 -5.91
CA VAL A 14 -6.33 -1.41 -5.15
C VAL A 14 -6.54 -1.15 -3.67
N THR A 15 -6.95 -2.16 -2.96
CA THR A 15 -7.21 -2.04 -1.57
C THR A 15 -6.33 -3.04 -0.81
N TYR A 16 -6.15 -2.83 0.47
CA TYR A 16 -5.27 -3.63 1.28
C TYR A 16 -5.89 -3.99 2.61
N ALA A 17 -5.38 -5.03 3.26
CA ALA A 17 -5.88 -5.51 4.53
C ALA A 17 -4.77 -5.47 5.57
N LEU A 18 -5.13 -5.48 6.85
CA LEU A 18 -4.13 -5.48 7.93
C LEU A 18 -3.31 -6.75 7.93
N GLN A 19 -2.12 -6.67 8.51
CA GLN A 19 -1.17 -7.77 8.66
C GLN A 19 -0.58 -8.21 7.33
N GLU A 20 -0.91 -7.50 6.30
CA GLU A 20 -0.48 -7.80 4.98
C GLU A 20 0.87 -7.14 4.77
N ASP A 21 1.82 -7.90 4.31
CA ASP A 21 3.13 -7.36 4.00
C ASP A 21 3.14 -6.88 2.61
N VAL A 22 3.54 -5.66 2.44
CA VAL A 22 3.50 -4.98 1.17
C VAL A 22 4.71 -4.07 1.00
N PHE A 23 5.09 -3.81 -0.23
CA PHE A 23 6.16 -2.89 -0.51
C PHE A 23 5.60 -1.49 -0.56
N ILE A 24 6.33 -0.55 -0.01
CA ILE A 24 5.94 0.86 0.05
C ILE A 24 6.98 1.69 -0.61
N LYS A 25 6.58 2.37 -1.62
CA LYS A 25 7.39 3.28 -2.31
C LYS A 25 7.45 4.60 -1.58
N CYS A 26 8.61 5.02 -1.27
CA CYS A 26 8.83 6.28 -0.65
C CYS A 26 8.98 7.33 -1.74
N ASN A 27 9.02 8.56 -1.36
CA ASN A 27 9.09 9.68 -2.28
C ASN A 27 10.39 9.66 -3.07
N ASP A 28 11.41 9.05 -2.51
CA ASP A 28 12.72 8.95 -3.17
C ASP A 28 12.77 7.76 -4.13
N GLY A 29 11.66 7.05 -4.26
CA GLY A 29 11.55 5.99 -5.24
C GLY A 29 11.91 4.61 -4.75
N ARG A 30 12.36 4.50 -3.52
CA ARG A 30 12.71 3.20 -2.96
C ARG A 30 11.51 2.52 -2.38
N PHE A 31 11.55 1.22 -2.37
CA PHE A 31 10.51 0.42 -1.78
C PHE A 31 10.99 -0.17 -0.48
N TYR A 32 10.15 -0.06 0.50
CA TYR A 32 10.38 -0.60 1.81
C TYR A 32 9.29 -1.61 2.10
N LEU A 33 9.66 -2.78 2.53
CA LEU A 33 8.69 -3.82 2.83
C LEU A 33 8.21 -3.72 4.27
N GLY A 34 6.92 -3.50 4.44
CA GLY A 34 6.35 -3.36 5.75
C GLY A 34 5.03 -4.09 5.90
N THR A 35 4.50 -4.09 7.10
CA THR A 35 3.27 -4.78 7.42
C THR A 35 2.17 -3.73 7.75
N ILE A 36 0.99 -3.88 7.17
CA ILE A 36 -0.11 -2.95 7.43
C ILE A 36 -0.70 -3.18 8.83
N ILE A 37 -0.80 -2.14 9.61
CA ILE A 37 -1.35 -2.25 10.96
C ILE A 37 -2.71 -1.59 11.08
N ASP A 38 -2.96 -0.58 10.29
CA ASP A 38 -4.23 0.13 10.36
C ASP A 38 -4.51 0.65 8.98
N GLN A 39 -5.74 0.88 8.67
CA GLN A 39 -6.09 1.29 7.34
C GLN A 39 -7.23 2.29 7.35
N THR A 40 -7.16 3.24 6.46
CA THR A 40 -8.23 4.16 6.25
C THR A 40 -8.67 4.02 4.79
N SER A 41 -9.58 4.83 4.34
CA SER A 41 -10.05 4.74 2.97
C SER A 41 -9.03 5.37 2.01
N ASP A 42 -8.17 6.23 2.56
CA ASP A 42 -7.20 6.94 1.75
C ASP A 42 -5.80 6.46 1.99
N GLN A 43 -5.48 6.07 3.20
CA GLN A 43 -4.12 5.73 3.53
C GLN A 43 -4.05 4.42 4.27
N TYR A 44 -2.88 3.85 4.29
CA TYR A 44 -2.64 2.63 5.01
C TYR A 44 -1.45 2.83 5.93
N LEU A 45 -1.61 2.46 7.19
CA LEU A 45 -0.56 2.62 8.17
C LEU A 45 0.33 1.43 8.06
N ILE A 46 1.54 1.63 7.68
CA ILE A 46 2.47 0.54 7.49
C ILE A 46 3.55 0.55 8.54
N ARG A 47 3.77 -0.57 9.18
CA ARG A 47 4.80 -0.72 10.16
C ARG A 47 5.90 -1.52 9.55
N PHE A 48 7.01 -0.91 9.40
CA PHE A 48 8.15 -1.51 8.78
C PHE A 48 8.91 -2.36 9.78
N ASP A 49 9.97 -3.00 9.33
CA ASP A 49 10.76 -3.92 10.17
C ASP A 49 11.42 -3.16 11.32
N ASP A 50 11.65 -1.89 11.08
CA ASP A 50 12.21 -0.97 12.07
C ASP A 50 11.13 -0.38 12.98
N GLN A 51 9.91 -0.92 12.85
CA GLN A 51 8.74 -0.59 13.71
C GLN A 51 8.18 0.81 13.50
N SER A 52 8.66 1.49 12.48
CA SER A 52 8.13 2.79 12.16
C SER A 52 6.80 2.61 11.43
N GLU A 53 5.83 3.41 11.77
CA GLU A 53 4.52 3.33 11.19
C GLU A 53 4.25 4.59 10.40
N GLN A 54 3.88 4.43 9.15
CA GLN A 54 3.68 5.58 8.29
C GLN A 54 2.38 5.40 7.50
N TRP A 55 1.64 6.48 7.29
CA TRP A 55 0.41 6.40 6.51
C TRP A 55 0.76 6.63 5.05
N CYS A 56 0.67 5.61 4.28
CA CYS A 56 1.11 5.63 2.93
C CYS A 56 -0.07 5.55 1.97
N GLU A 57 0.12 6.08 0.77
CA GLU A 57 -0.90 6.04 -0.26
C GLU A 57 -0.98 4.66 -0.85
N PRO A 58 -2.16 4.24 -1.25
CA PRO A 58 -2.37 2.94 -1.90
C PRO A 58 -1.53 2.75 -3.17
N ASP A 59 -1.18 3.85 -3.87
CA ASP A 59 -0.30 3.76 -5.06
C ASP A 59 1.14 3.46 -4.67
N LYS A 60 1.45 3.65 -3.41
CA LYS A 60 2.80 3.41 -2.91
C LYS A 60 2.93 1.96 -2.47
N LEU A 61 1.81 1.36 -2.21
CA LEU A 61 1.74 0.00 -1.76
C LEU A 61 1.63 -0.94 -2.92
N ARG A 62 2.39 -2.00 -2.87
CA ARG A 62 2.35 -3.02 -3.91
C ARG A 62 2.28 -4.38 -3.25
N LYS A 63 1.41 -5.24 -3.78
CA LYS A 63 1.26 -6.60 -3.28
C LYS A 63 2.51 -7.40 -3.56
N LEU A 64 2.85 -8.31 -2.68
CA LEU A 64 4.04 -9.13 -2.84
C LEU A 64 3.77 -10.28 -3.80
N GLY A 65 2.52 -10.64 -3.91
CA GLY A 65 2.15 -11.74 -4.77
C GLY A 65 1.78 -11.29 -6.17
N GLY A 66 0.57 -10.79 -6.33
CA GLY A 66 0.12 -10.38 -7.64
C GLY A 66 -1.09 -9.46 -7.65
N GLY A 67 -1.73 -9.24 -6.52
CA GLY A 67 -2.88 -8.34 -6.52
C GLY A 67 -3.94 -8.80 -5.55
N SER A 68 -4.61 -9.88 -5.88
CA SER A 68 -5.58 -10.48 -4.99
C SER A 68 -4.82 -11.02 -3.79
N SER A 69 -3.61 -11.42 -4.06
CA SER A 69 -2.66 -11.84 -3.12
C SER A 69 -1.34 -11.67 -3.84
N GLY A 1 -18.36 9.15 -14.33
CA GLY A 1 -17.12 8.48 -13.96
C GLY A 1 -17.41 7.21 -13.23
N ALA A 2 -16.43 6.34 -13.15
CA ALA A 2 -16.58 5.05 -12.48
C ALA A 2 -15.22 4.47 -12.13
N MET A 3 -14.26 4.65 -13.06
CA MET A 3 -12.88 4.15 -12.93
C MET A 3 -12.89 2.62 -13.08
N ALA A 4 -13.88 2.13 -13.82
CA ALA A 4 -14.04 0.72 -14.07
C ALA A 4 -13.20 0.30 -15.28
N PRO A 5 -12.11 -0.45 -15.06
CA PRO A 5 -11.23 -0.87 -16.13
C PRO A 5 -11.83 -1.99 -16.98
N PRO A 6 -11.73 -1.88 -18.32
CA PRO A 6 -12.13 -2.94 -19.25
C PRO A 6 -11.41 -4.25 -18.93
N VAL A 7 -10.13 -4.16 -18.67
CA VAL A 7 -9.36 -5.30 -18.29
C VAL A 7 -9.42 -5.41 -16.78
N ALA A 8 -10.27 -6.31 -16.30
CA ALA A 8 -10.47 -6.48 -14.88
C ALA A 8 -9.42 -7.40 -14.27
N ALA A 9 -8.22 -6.96 -14.36
CA ALA A 9 -7.11 -7.64 -13.77
C ALA A 9 -6.78 -7.00 -12.41
N PRO A 10 -6.60 -5.65 -12.34
CA PRO A 10 -6.53 -4.97 -11.05
C PRO A 10 -7.95 -4.59 -10.59
N SER A 11 -8.11 -4.37 -9.34
CA SER A 11 -9.40 -3.98 -8.84
C SER A 11 -9.49 -2.46 -8.88
N PRO A 12 -10.64 -1.89 -9.30
CA PRO A 12 -10.81 -0.46 -9.18
C PRO A 12 -10.86 -0.15 -7.69
N ALA A 13 -10.18 0.90 -7.28
CA ALA A 13 -10.01 1.25 -5.87
C ALA A 13 -9.42 0.05 -5.09
N VAL A 14 -8.12 -0.11 -5.21
CA VAL A 14 -7.41 -1.22 -4.57
C VAL A 14 -7.46 -1.11 -3.07
N THR A 15 -7.66 -2.22 -2.42
CA THR A 15 -7.75 -2.23 -1.00
C THR A 15 -6.82 -3.31 -0.44
N TYR A 16 -6.47 -3.15 0.81
CA TYR A 16 -5.52 -4.02 1.46
C TYR A 16 -6.04 -4.41 2.83
N ALA A 17 -5.55 -5.49 3.36
CA ALA A 17 -5.95 -5.95 4.67
C ALA A 17 -4.84 -5.72 5.67
N LEU A 18 -5.16 -5.61 6.95
CA LEU A 18 -4.15 -5.48 7.98
C LEU A 18 -3.31 -6.74 8.08
N GLN A 19 -2.11 -6.60 8.63
CA GLN A 19 -1.14 -7.69 8.85
C GLN A 19 -0.63 -8.23 7.51
N GLU A 20 -0.84 -7.47 6.49
CA GLU A 20 -0.42 -7.82 5.17
C GLU A 20 0.92 -7.18 4.89
N ASP A 21 1.88 -7.95 4.45
CA ASP A 21 3.18 -7.43 4.08
C ASP A 21 3.12 -6.98 2.65
N VAL A 22 3.53 -5.78 2.41
CA VAL A 22 3.47 -5.15 1.10
C VAL A 22 4.68 -4.26 0.88
N PHE A 23 4.97 -3.92 -0.37
CA PHE A 23 6.04 -2.97 -0.64
C PHE A 23 5.47 -1.57 -0.70
N ILE A 24 6.21 -0.64 -0.12
CA ILE A 24 5.81 0.77 -0.04
C ILE A 24 6.84 1.63 -0.70
N LYS A 25 6.42 2.40 -1.63
CA LYS A 25 7.27 3.33 -2.28
C LYS A 25 7.34 4.61 -1.48
N CYS A 26 8.53 5.03 -1.20
CA CYS A 26 8.74 6.27 -0.52
C CYS A 26 8.87 7.35 -1.60
N ASN A 27 8.80 8.61 -1.19
CA ASN A 27 8.95 9.75 -2.12
C ASN A 27 10.33 9.72 -2.76
N ASP A 28 11.23 9.02 -2.10
CA ASP A 28 12.61 8.83 -2.54
C ASP A 28 12.70 7.81 -3.67
N GLY A 29 11.59 7.16 -3.99
CA GLY A 29 11.57 6.21 -5.10
C GLY A 29 12.03 4.82 -4.71
N ARG A 30 12.33 4.63 -3.45
CA ARG A 30 12.71 3.33 -2.95
C ARG A 30 11.49 2.61 -2.43
N PHE A 31 11.52 1.30 -2.49
CA PHE A 31 10.47 0.48 -1.95
C PHE A 31 10.90 -0.17 -0.68
N TYR A 32 10.09 -0.04 0.32
CA TYR A 32 10.31 -0.64 1.60
C TYR A 32 9.21 -1.62 1.87
N LEU A 33 9.55 -2.82 2.23
CA LEU A 33 8.55 -3.83 2.50
C LEU A 33 8.10 -3.67 3.95
N GLY A 34 6.83 -3.60 4.17
CA GLY A 34 6.34 -3.47 5.51
C GLY A 34 5.03 -4.15 5.74
N THR A 35 4.61 -4.21 6.97
CA THR A 35 3.39 -4.88 7.38
C THR A 35 2.30 -3.82 7.69
N ILE A 36 1.11 -3.97 7.12
CA ILE A 36 0.01 -3.03 7.36
C ILE A 36 -0.56 -3.21 8.76
N ILE A 37 -0.78 -2.11 9.46
CA ILE A 37 -1.36 -2.15 10.80
C ILE A 37 -2.71 -1.49 10.85
N ASP A 38 -2.91 -0.45 10.04
CA ASP A 38 -4.16 0.27 10.08
C ASP A 38 -4.49 0.81 8.71
N GLN A 39 -5.74 1.08 8.47
CA GLN A 39 -6.19 1.56 7.21
C GLN A 39 -7.22 2.67 7.38
N THR A 40 -7.26 3.55 6.43
CA THR A 40 -8.24 4.59 6.36
C THR A 40 -8.91 4.45 5.01
N SER A 41 -9.66 5.44 4.57
CA SER A 41 -10.26 5.36 3.27
C SER A 41 -9.22 5.66 2.20
N ASP A 42 -8.25 6.50 2.53
CA ASP A 42 -7.29 6.97 1.54
C ASP A 42 -5.91 6.40 1.73
N GLN A 43 -5.54 6.08 2.95
CA GLN A 43 -4.17 5.63 3.22
C GLN A 43 -4.13 4.38 4.08
N TYR A 44 -2.97 3.79 4.13
CA TYR A 44 -2.72 2.62 4.93
C TYR A 44 -1.51 2.87 5.80
N LEU A 45 -1.59 2.46 7.04
CA LEU A 45 -0.51 2.63 7.98
C LEU A 45 0.35 1.42 7.90
N ILE A 46 1.57 1.61 7.53
CA ILE A 46 2.50 0.50 7.36
C ILE A 46 3.58 0.52 8.43
N ARG A 47 3.85 -0.63 9.03
CA ARG A 47 4.87 -0.77 10.03
C ARG A 47 6.03 -1.53 9.45
N PHE A 48 7.16 -0.89 9.41
CA PHE A 48 8.36 -1.45 8.81
C PHE A 48 9.17 -2.21 9.84
N ASP A 49 10.28 -2.79 9.42
CA ASP A 49 11.17 -3.60 10.28
C ASP A 49 11.70 -2.82 11.47
N ASP A 50 11.86 -1.53 11.29
CA ASP A 50 12.34 -0.65 12.35
C ASP A 50 11.18 -0.18 13.23
N GLN A 51 10.00 -0.77 13.00
CA GLN A 51 8.76 -0.55 13.77
C GLN A 51 8.13 0.81 13.55
N SER A 52 8.63 1.56 12.59
CA SER A 52 8.05 2.84 12.28
C SER A 52 6.76 2.62 11.50
N GLU A 53 5.78 3.40 11.81
CA GLU A 53 4.50 3.32 11.18
C GLU A 53 4.25 4.60 10.41
N GLN A 54 3.95 4.47 9.14
CA GLN A 54 3.74 5.63 8.26
C GLN A 54 2.50 5.39 7.39
N TRP A 55 1.78 6.47 7.10
CA TRP A 55 0.58 6.38 6.27
C TRP A 55 0.95 6.56 4.82
N CYS A 56 0.72 5.54 4.06
CA CYS A 56 1.07 5.49 2.67
C CYS A 56 -0.20 5.25 1.85
N GLU A 57 -0.25 5.82 0.67
CA GLU A 57 -1.42 5.67 -0.20
C GLU A 57 -1.45 4.27 -0.80
N PRO A 58 -2.64 3.80 -1.26
CA PRO A 58 -2.81 2.46 -1.81
C PRO A 58 -2.00 2.25 -3.11
N ASP A 59 -1.70 3.36 -3.76
CA ASP A 59 -0.88 3.37 -4.98
C ASP A 59 0.59 3.11 -4.65
N LYS A 60 0.96 3.46 -3.43
CA LYS A 60 2.33 3.32 -2.93
C LYS A 60 2.61 1.90 -2.52
N LEU A 61 1.54 1.17 -2.32
CA LEU A 61 1.58 -0.17 -1.84
C LEU A 61 1.50 -1.11 -2.99
N ARG A 62 2.34 -2.09 -2.98
CA ARG A 62 2.34 -3.11 -3.99
C ARG A 62 2.15 -4.46 -3.32
N LYS A 63 1.24 -5.26 -3.85
CA LYS A 63 0.91 -6.58 -3.31
C LYS A 63 2.09 -7.52 -3.52
N LEU A 64 2.35 -8.43 -2.58
CA LEU A 64 3.44 -9.38 -2.76
C LEU A 64 2.97 -10.57 -3.57
N GLY A 65 1.68 -10.87 -3.44
CA GLY A 65 1.09 -12.03 -4.08
C GLY A 65 0.86 -11.87 -5.57
N GLY A 66 1.95 -11.85 -6.33
CA GLY A 66 1.89 -11.80 -7.77
C GLY A 66 1.53 -10.45 -8.34
N GLY A 67 0.32 -10.03 -8.06
CA GLY A 67 -0.21 -8.83 -8.64
C GLY A 67 0.48 -7.56 -8.19
N SER A 68 1.15 -6.91 -9.11
CA SER A 68 1.78 -5.64 -8.85
C SER A 68 0.75 -4.50 -8.98
N SER A 69 -0.47 -4.90 -9.26
CA SER A 69 -1.61 -4.04 -9.39
C SER A 69 -2.82 -4.87 -9.00
N GLY A 1 -3.25 3.08 -15.53
CA GLY A 1 -3.47 1.76 -15.00
C GLY A 1 -4.26 0.94 -15.95
N ALA A 2 -4.13 -0.36 -15.87
CA ALA A 2 -4.85 -1.25 -16.74
C ALA A 2 -6.25 -1.48 -16.19
N MET A 3 -7.17 -1.81 -17.10
CA MET A 3 -8.60 -2.07 -16.80
C MET A 3 -9.35 -0.79 -16.49
N ALA A 4 -10.64 -0.81 -16.77
CA ALA A 4 -11.49 0.31 -16.52
C ALA A 4 -12.26 0.07 -15.23
N PRO A 5 -11.96 0.85 -14.17
CA PRO A 5 -12.61 0.70 -12.86
C PRO A 5 -14.12 0.99 -12.92
N PRO A 6 -14.96 -0.01 -12.63
CA PRO A 6 -16.40 0.19 -12.59
C PRO A 6 -16.80 0.93 -11.35
N VAL A 7 -17.26 2.17 -11.51
CA VAL A 7 -17.67 3.04 -10.40
C VAL A 7 -16.41 3.55 -9.62
N ALA A 8 -16.57 4.68 -8.93
CA ALA A 8 -15.52 5.35 -8.16
C ALA A 8 -14.57 6.07 -9.12
N ALA A 9 -13.47 6.58 -8.58
CA ALA A 9 -12.49 7.28 -9.37
C ALA A 9 -11.95 6.37 -10.50
N PRO A 10 -11.90 6.88 -11.75
CA PRO A 10 -11.45 6.11 -12.93
C PRO A 10 -9.94 5.87 -12.96
N SER A 11 -9.33 6.01 -11.83
CA SER A 11 -7.95 5.73 -11.66
C SER A 11 -7.86 4.35 -11.02
N PRO A 12 -7.41 3.33 -11.76
CA PRO A 12 -7.36 1.97 -11.23
C PRO A 12 -6.33 1.85 -10.12
N ALA A 13 -6.71 1.15 -9.08
CA ALA A 13 -5.91 0.97 -7.95
C ALA A 13 -6.42 -0.28 -7.29
N VAL A 14 -5.90 -0.56 -6.17
CA VAL A 14 -6.23 -1.73 -5.40
C VAL A 14 -6.50 -1.35 -3.97
N THR A 15 -6.92 -2.30 -3.19
CA THR A 15 -7.11 -2.12 -1.79
C THR A 15 -6.20 -3.07 -1.03
N TYR A 16 -5.96 -2.77 0.21
CA TYR A 16 -5.04 -3.55 1.02
C TYR A 16 -5.67 -3.98 2.33
N ALA A 17 -5.12 -5.02 2.93
CA ALA A 17 -5.64 -5.60 4.15
C ALA A 17 -4.61 -5.50 5.26
N LEU A 18 -5.06 -5.49 6.51
CA LEU A 18 -4.15 -5.48 7.64
C LEU A 18 -3.37 -6.78 7.71
N GLN A 19 -2.20 -6.71 8.32
CA GLN A 19 -1.29 -7.84 8.54
C GLN A 19 -0.69 -8.34 7.24
N GLU A 20 -0.96 -7.61 6.18
CA GLU A 20 -0.47 -7.91 4.88
C GLU A 20 0.89 -7.23 4.73
N ASP A 21 1.86 -7.97 4.27
CA ASP A 21 3.18 -7.45 4.05
C ASP A 21 3.25 -6.94 2.65
N VAL A 22 3.69 -5.72 2.52
CA VAL A 22 3.70 -5.02 1.25
C VAL A 22 4.93 -4.13 1.16
N PHE A 23 5.27 -3.75 -0.04
CA PHE A 23 6.35 -2.81 -0.26
C PHE A 23 5.79 -1.41 -0.36
N ILE A 24 6.50 -0.45 0.23
CA ILE A 24 6.09 0.95 0.26
C ILE A 24 7.15 1.82 -0.38
N LYS A 25 6.74 2.49 -1.39
CA LYS A 25 7.56 3.40 -2.11
C LYS A 25 7.57 4.74 -1.43
N CYS A 26 8.73 5.28 -1.24
CA CYS A 26 8.86 6.60 -0.70
C CYS A 26 8.95 7.56 -1.89
N ASN A 27 8.95 8.85 -1.63
CA ASN A 27 8.99 9.85 -2.70
C ASN A 27 10.31 9.83 -3.50
N ASP A 28 11.34 9.18 -2.94
CA ASP A 28 12.62 9.01 -3.66
C ASP A 28 12.53 7.80 -4.62
N GLY A 29 11.49 6.99 -4.46
CA GLY A 29 11.29 5.85 -5.34
C GLY A 29 11.72 4.53 -4.76
N ARG A 30 12.06 4.53 -3.49
CA ARG A 30 12.58 3.33 -2.86
C ARG A 30 11.47 2.58 -2.19
N PHE A 31 11.57 1.28 -2.20
CA PHE A 31 10.58 0.44 -1.59
C PHE A 31 11.06 -0.13 -0.29
N TYR A 32 10.25 0.03 0.71
CA TYR A 32 10.51 -0.47 2.01
C TYR A 32 9.42 -1.45 2.35
N LEU A 33 9.79 -2.64 2.77
CA LEU A 33 8.80 -3.66 3.05
C LEU A 33 8.23 -3.44 4.45
N GLY A 34 6.93 -3.43 4.55
CA GLY A 34 6.31 -3.30 5.81
C GLY A 34 5.00 -4.04 5.90
N THR A 35 4.45 -4.09 7.06
CA THR A 35 3.20 -4.78 7.32
C THR A 35 2.11 -3.74 7.65
N ILE A 36 0.94 -3.90 7.07
CA ILE A 36 -0.15 -2.95 7.32
C ILE A 36 -0.77 -3.20 8.69
N ILE A 37 -0.89 -2.16 9.49
CA ILE A 37 -1.51 -2.27 10.81
C ILE A 37 -2.88 -1.65 10.84
N ASP A 38 -3.08 -0.56 10.12
CA ASP A 38 -4.37 0.10 10.13
C ASP A 38 -4.65 0.65 8.75
N GLN A 39 -5.89 0.85 8.45
CA GLN A 39 -6.26 1.33 7.16
C GLN A 39 -7.34 2.38 7.25
N THR A 40 -7.30 3.30 6.34
CA THR A 40 -8.31 4.31 6.20
C THR A 40 -8.79 4.21 4.77
N SER A 41 -9.65 5.09 4.36
CA SER A 41 -10.13 5.07 3.01
C SER A 41 -9.07 5.61 2.02
N ASP A 42 -8.17 6.46 2.50
CA ASP A 42 -7.13 7.02 1.62
C ASP A 42 -5.75 6.47 1.90
N GLN A 43 -5.46 6.12 3.12
CA GLN A 43 -4.10 5.69 3.46
C GLN A 43 -4.08 4.40 4.25
N TYR A 44 -2.93 3.79 4.28
CA TYR A 44 -2.70 2.58 5.01
C TYR A 44 -1.52 2.80 5.95
N LEU A 45 -1.69 2.42 7.20
CA LEU A 45 -0.66 2.59 8.22
C LEU A 45 0.23 1.38 8.14
N ILE A 46 1.46 1.61 7.78
CA ILE A 46 2.39 0.52 7.58
C ILE A 46 3.46 0.50 8.66
N ARG A 47 3.72 -0.67 9.17
CA ARG A 47 4.75 -0.90 10.15
C ARG A 47 5.96 -1.48 9.45
N PHE A 48 7.03 -0.77 9.52
CA PHE A 48 8.26 -1.16 8.88
C PHE A 48 9.14 -1.94 9.85
N ASP A 49 10.30 -2.40 9.38
CA ASP A 49 11.22 -3.21 10.19
C ASP A 49 11.75 -2.47 11.40
N ASP A 50 11.77 -1.15 11.32
CA ASP A 50 12.22 -0.33 12.45
C ASP A 50 11.04 -0.10 13.44
N GLN A 51 9.93 -0.81 13.16
CA GLN A 51 8.69 -0.79 13.95
C GLN A 51 7.97 0.55 13.82
N SER A 52 8.45 1.34 12.89
CA SER A 52 7.89 2.63 12.62
C SER A 52 6.58 2.47 11.83
N GLU A 53 5.60 3.30 12.15
CA GLU A 53 4.33 3.25 11.49
C GLU A 53 4.13 4.53 10.71
N GLN A 54 3.79 4.41 9.44
CA GLN A 54 3.56 5.57 8.57
C GLN A 54 2.30 5.36 7.74
N TRP A 55 1.58 6.42 7.48
CA TRP A 55 0.40 6.35 6.65
C TRP A 55 0.84 6.56 5.23
N CYS A 56 0.69 5.55 4.44
CA CYS A 56 1.14 5.56 3.09
C CYS A 56 -0.05 5.43 2.16
N GLU A 57 0.08 5.96 0.98
CA GLU A 57 -0.95 5.91 -0.03
C GLU A 57 -0.95 4.55 -0.68
N PRO A 58 -2.12 4.10 -1.19
CA PRO A 58 -2.24 2.81 -1.91
C PRO A 58 -1.35 2.82 -3.15
N ASP A 59 -1.06 4.02 -3.61
CA ASP A 59 -0.16 4.33 -4.73
C ASP A 59 1.28 3.88 -4.41
N LYS A 60 1.62 3.86 -3.15
CA LYS A 60 2.96 3.53 -2.72
C LYS A 60 3.10 2.07 -2.31
N LEU A 61 1.99 1.37 -2.26
CA LEU A 61 1.97 0.01 -1.78
C LEU A 61 1.95 -0.96 -2.91
N ARG A 62 2.57 -2.11 -2.70
CA ARG A 62 2.60 -3.20 -3.67
C ARG A 62 2.46 -4.53 -2.96
N LYS A 63 1.57 -5.40 -3.46
CA LYS A 63 1.47 -6.76 -2.95
C LYS A 63 2.74 -7.50 -3.30
N LEU A 64 3.24 -8.28 -2.37
CA LEU A 64 4.44 -9.09 -2.60
C LEU A 64 4.06 -10.24 -3.54
N GLY A 65 2.84 -10.66 -3.40
CA GLY A 65 2.26 -11.66 -4.20
C GLY A 65 0.79 -11.53 -4.11
N GLY A 66 0.08 -12.03 -5.09
CA GLY A 66 -1.35 -11.89 -5.10
C GLY A 66 -1.76 -10.51 -5.55
N GLY A 67 -1.19 -10.08 -6.66
CA GLY A 67 -1.48 -8.80 -7.24
C GLY A 67 -2.90 -8.73 -7.75
N SER A 68 -3.76 -8.22 -6.90
CA SER A 68 -5.18 -8.11 -7.12
C SER A 68 -5.52 -7.42 -8.44
N SER A 69 -6.32 -8.10 -9.22
CA SER A 69 -6.84 -7.62 -10.47
C SER A 69 -8.12 -8.40 -10.72
N GLY A 1 -8.54 -6.30 -9.22
CA GLY A 1 -9.52 -5.35 -9.68
C GLY A 1 -9.79 -5.53 -11.15
N ALA A 2 -9.56 -4.51 -11.92
CA ALA A 2 -9.75 -4.58 -13.35
C ALA A 2 -8.53 -4.02 -14.05
N MET A 3 -7.39 -4.03 -13.33
CA MET A 3 -6.08 -3.48 -13.77
C MET A 3 -6.10 -1.95 -13.68
N ALA A 4 -7.09 -1.37 -14.33
CA ALA A 4 -7.34 0.04 -14.28
C ALA A 4 -8.80 0.19 -13.86
N PRO A 5 -9.12 1.23 -13.07
CA PRO A 5 -10.48 1.44 -12.55
C PRO A 5 -11.54 1.55 -13.66
N PRO A 6 -12.75 1.00 -13.41
CA PRO A 6 -13.86 1.04 -14.36
C PRO A 6 -14.24 2.47 -14.76
N VAL A 7 -14.74 2.65 -15.97
CA VAL A 7 -15.08 3.98 -16.45
C VAL A 7 -16.48 4.36 -15.97
N ALA A 8 -16.55 4.64 -14.68
CA ALA A 8 -17.76 5.06 -13.94
C ALA A 8 -17.39 5.13 -12.49
N ALA A 9 -16.16 5.49 -12.24
CA ALA A 9 -15.61 5.49 -10.92
C ALA A 9 -14.64 6.64 -10.78
N PRO A 10 -14.32 7.05 -9.54
CA PRO A 10 -13.29 8.05 -9.26
C PRO A 10 -11.87 7.42 -9.41
N SER A 11 -10.96 7.81 -8.56
CA SER A 11 -9.63 7.26 -8.56
C SER A 11 -9.69 5.78 -8.10
N PRO A 12 -8.67 4.96 -8.46
CA PRO A 12 -8.65 3.54 -8.10
C PRO A 12 -8.77 3.33 -6.59
N ALA A 13 -9.54 2.36 -6.23
CA ALA A 13 -9.73 2.02 -4.86
C ALA A 13 -9.44 0.58 -4.65
N VAL A 14 -8.20 0.31 -4.33
CA VAL A 14 -7.77 -1.02 -4.04
C VAL A 14 -7.63 -1.10 -2.56
N THR A 15 -7.74 -2.26 -2.01
CA THR A 15 -7.68 -2.38 -0.60
C THR A 15 -6.68 -3.45 -0.20
N TYR A 16 -6.34 -3.46 1.06
CA TYR A 16 -5.33 -4.30 1.63
C TYR A 16 -5.79 -4.79 2.99
N ALA A 17 -5.21 -5.87 3.45
CA ALA A 17 -5.56 -6.45 4.73
C ALA A 17 -4.46 -6.18 5.74
N LEU A 18 -4.83 -5.97 7.00
CA LEU A 18 -3.87 -5.73 8.07
C LEU A 18 -3.02 -6.97 8.31
N GLN A 19 -1.80 -6.74 8.75
CA GLN A 19 -0.79 -7.76 9.08
C GLN A 19 -0.30 -8.48 7.82
N GLU A 20 -0.52 -7.84 6.70
CA GLU A 20 -0.06 -8.31 5.42
C GLU A 20 1.20 -7.51 5.07
N ASP A 21 2.17 -8.16 4.49
CA ASP A 21 3.42 -7.49 4.12
C ASP A 21 3.29 -6.95 2.71
N VAL A 22 3.68 -5.73 2.52
CA VAL A 22 3.59 -5.02 1.24
C VAL A 22 4.78 -4.10 1.05
N PHE A 23 5.11 -3.80 -0.19
CA PHE A 23 6.18 -2.86 -0.48
C PHE A 23 5.61 -1.45 -0.51
N ILE A 24 6.35 -0.50 0.05
CA ILE A 24 5.95 0.91 0.10
C ILE A 24 6.98 1.77 -0.56
N LYS A 25 6.54 2.52 -1.52
CA LYS A 25 7.36 3.42 -2.24
C LYS A 25 7.34 4.79 -1.59
N CYS A 26 8.49 5.30 -1.31
CA CYS A 26 8.58 6.64 -0.80
C CYS A 26 8.78 7.59 -1.98
N ASN A 27 8.76 8.88 -1.73
CA ASN A 27 8.92 9.89 -2.78
C ASN A 27 10.28 9.77 -3.47
N ASP A 28 11.26 9.20 -2.78
CA ASP A 28 12.60 9.00 -3.38
C ASP A 28 12.58 7.84 -4.37
N GLY A 29 11.51 7.07 -4.36
CA GLY A 29 11.36 5.96 -5.29
C GLY A 29 11.81 4.64 -4.71
N ARG A 30 12.14 4.66 -3.44
CA ARG A 30 12.61 3.47 -2.76
C ARG A 30 11.43 2.68 -2.28
N PHE A 31 11.53 1.38 -2.33
CA PHE A 31 10.52 0.54 -1.81
C PHE A 31 10.98 -0.09 -0.52
N TYR A 32 10.15 0.01 0.47
CA TYR A 32 10.39 -0.54 1.75
C TYR A 32 9.34 -1.58 2.02
N LEU A 33 9.75 -2.78 2.32
CA LEU A 33 8.80 -3.82 2.66
C LEU A 33 8.34 -3.63 4.10
N GLY A 34 7.05 -3.48 4.27
CA GLY A 34 6.47 -3.25 5.57
C GLY A 34 5.21 -4.05 5.78
N THR A 35 4.72 -4.04 6.99
CA THR A 35 3.54 -4.78 7.36
C THR A 35 2.40 -3.77 7.72
N ILE A 36 1.23 -3.96 7.14
CA ILE A 36 0.11 -3.03 7.40
C ILE A 36 -0.46 -3.25 8.80
N ILE A 37 -0.74 -2.18 9.50
CA ILE A 37 -1.33 -2.29 10.83
C ILE A 37 -2.69 -1.65 10.91
N ASP A 38 -2.92 -0.60 10.16
CA ASP A 38 -4.21 0.10 10.22
C ASP A 38 -4.50 0.63 8.84
N GLN A 39 -5.75 0.88 8.55
CA GLN A 39 -6.12 1.33 7.26
C GLN A 39 -7.25 2.32 7.33
N THR A 40 -7.19 3.29 6.50
CA THR A 40 -8.24 4.23 6.38
C THR A 40 -8.80 4.08 4.97
N SER A 41 -9.72 4.92 4.58
CA SER A 41 -10.28 4.85 3.25
C SER A 41 -9.30 5.43 2.23
N ASP A 42 -8.28 6.10 2.72
CA ASP A 42 -7.31 6.72 1.84
C ASP A 42 -5.94 6.13 2.00
N GLN A 43 -5.54 5.91 3.23
CA GLN A 43 -4.18 5.53 3.49
C GLN A 43 -4.07 4.27 4.30
N TYR A 44 -2.90 3.73 4.34
CA TYR A 44 -2.62 2.53 5.07
C TYR A 44 -1.44 2.78 5.98
N LEU A 45 -1.60 2.44 7.24
CA LEU A 45 -0.54 2.60 8.20
C LEU A 45 0.33 1.41 8.07
N ILE A 46 1.55 1.63 7.69
CA ILE A 46 2.47 0.53 7.48
C ILE A 46 3.55 0.56 8.55
N ARG A 47 3.80 -0.58 9.15
CA ARG A 47 4.82 -0.72 10.14
C ARG A 47 5.95 -1.47 9.51
N PHE A 48 7.06 -0.83 9.43
CA PHE A 48 8.24 -1.36 8.82
C PHE A 48 9.03 -2.14 9.83
N ASP A 49 10.15 -2.70 9.41
CA ASP A 49 10.98 -3.56 10.25
C ASP A 49 11.47 -2.85 11.50
N ASP A 50 11.72 -1.56 11.40
CA ASP A 50 12.19 -0.79 12.58
C ASP A 50 10.99 -0.34 13.41
N GLN A 51 9.83 -0.88 13.06
CA GLN A 51 8.56 -0.64 13.73
C GLN A 51 8.07 0.77 13.50
N SER A 52 8.63 1.37 12.48
CA SER A 52 8.25 2.66 12.01
C SER A 52 6.86 2.55 11.39
N GLU A 53 5.95 3.39 11.79
CA GLU A 53 4.61 3.36 11.24
C GLU A 53 4.35 4.64 10.48
N GLN A 54 3.92 4.51 9.25
CA GLN A 54 3.63 5.66 8.41
C GLN A 54 2.35 5.43 7.63
N TRP A 55 1.63 6.49 7.36
CA TRP A 55 0.43 6.40 6.56
C TRP A 55 0.83 6.59 5.12
N CYS A 56 0.64 5.56 4.36
CA CYS A 56 1.04 5.55 3.00
C CYS A 56 -0.17 5.40 2.10
N GLU A 57 -0.12 6.03 0.95
CA GLU A 57 -1.17 5.97 -0.05
C GLU A 57 -1.22 4.60 -0.69
N PRO A 58 -2.37 4.20 -1.25
CA PRO A 58 -2.53 2.90 -1.91
C PRO A 58 -1.68 2.85 -3.18
N ASP A 59 -1.35 4.03 -3.66
CA ASP A 59 -0.45 4.26 -4.77
C ASP A 59 0.97 3.78 -4.45
N LYS A 60 1.32 3.83 -3.19
CA LYS A 60 2.68 3.53 -2.75
C LYS A 60 2.83 2.08 -2.35
N LEU A 61 1.75 1.36 -2.30
CA LEU A 61 1.75 -0.01 -1.84
C LEU A 61 1.74 -0.96 -2.99
N ARG A 62 2.46 -2.03 -2.83
CA ARG A 62 2.50 -3.10 -3.80
C ARG A 62 2.28 -4.41 -3.10
N LYS A 63 1.37 -5.19 -3.64
CA LYS A 63 1.05 -6.50 -3.13
C LYS A 63 2.21 -7.42 -3.46
N LEU A 64 2.61 -8.25 -2.52
CA LEU A 64 3.73 -9.18 -2.79
C LEU A 64 3.26 -10.29 -3.71
N GLY A 65 2.02 -10.63 -3.57
CA GLY A 65 1.42 -11.62 -4.40
C GLY A 65 0.24 -11.05 -5.11
N GLY A 66 0.28 -11.05 -6.41
CA GLY A 66 -0.80 -10.52 -7.19
C GLY A 66 -0.77 -9.02 -7.23
N GLY A 67 0.41 -8.48 -7.30
CA GLY A 67 0.57 -7.06 -7.33
C GLY A 67 0.82 -6.54 -8.71
N SER A 68 -0.24 -6.20 -9.40
CA SER A 68 -0.13 -5.59 -10.71
C SER A 68 0.18 -4.11 -10.51
N SER A 69 -0.47 -3.55 -9.53
CA SER A 69 -0.33 -2.20 -9.09
C SER A 69 -0.97 -2.16 -7.72
N GLY A 1 -4.07 4.52 -8.38
CA GLY A 1 -2.62 4.42 -8.32
C GLY A 1 -2.03 4.31 -9.70
N ALA A 2 -0.72 4.34 -9.79
CA ALA A 2 -0.03 4.25 -11.04
C ALA A 2 0.17 2.79 -11.41
N MET A 3 -0.93 2.21 -11.87
CA MET A 3 -1.08 0.83 -12.30
C MET A 3 -2.55 0.58 -12.42
N ALA A 4 -3.05 0.55 -13.62
CA ALA A 4 -4.46 0.40 -13.84
C ALA A 4 -4.69 -0.30 -15.16
N PRO A 5 -5.67 -1.22 -15.23
CA PRO A 5 -6.07 -1.87 -16.48
C PRO A 5 -6.38 -0.81 -17.55
N PRO A 6 -5.69 -0.83 -18.71
CA PRO A 6 -5.85 0.17 -19.79
C PRO A 6 -7.18 0.03 -20.57
N VAL A 7 -8.26 -0.15 -19.86
CA VAL A 7 -9.56 -0.29 -20.46
C VAL A 7 -10.63 0.12 -19.44
N ALA A 8 -11.64 0.82 -19.90
CA ALA A 8 -12.71 1.24 -19.03
C ALA A 8 -13.78 0.17 -18.95
N ALA A 9 -13.44 -0.90 -18.30
CA ALA A 9 -14.33 -2.01 -18.08
C ALA A 9 -14.32 -2.43 -16.59
N PRO A 10 -13.14 -2.72 -15.98
CA PRO A 10 -13.06 -2.97 -14.56
C PRO A 10 -12.71 -1.67 -13.83
N SER A 11 -12.83 -1.67 -12.54
CA SER A 11 -12.53 -0.52 -11.76
C SER A 11 -11.10 -0.66 -11.21
N PRO A 12 -10.16 0.21 -11.64
CA PRO A 12 -8.81 0.17 -11.10
C PRO A 12 -8.81 0.61 -9.64
N ALA A 13 -8.07 -0.11 -8.83
CA ALA A 13 -8.01 0.10 -7.41
C ALA A 13 -7.18 -1.01 -6.80
N VAL A 14 -6.39 -0.65 -5.85
CA VAL A 14 -5.67 -1.62 -5.09
C VAL A 14 -6.09 -1.50 -3.65
N THR A 15 -6.39 -2.61 -3.04
CA THR A 15 -6.82 -2.60 -1.71
C THR A 15 -5.94 -3.51 -0.90
N TYR A 16 -5.84 -3.22 0.36
CA TYR A 16 -4.93 -3.92 1.22
C TYR A 16 -5.61 -4.28 2.51
N ALA A 17 -5.10 -5.28 3.16
CA ALA A 17 -5.64 -5.76 4.40
C ALA A 17 -4.59 -5.67 5.47
N LEU A 18 -5.01 -5.61 6.72
CA LEU A 18 -4.08 -5.56 7.83
C LEU A 18 -3.32 -6.86 7.91
N GLN A 19 -2.12 -6.79 8.47
CA GLN A 19 -1.23 -7.94 8.69
C GLN A 19 -0.66 -8.46 7.37
N GLU A 20 -0.91 -7.73 6.31
CA GLU A 20 -0.40 -8.04 5.00
C GLU A 20 0.96 -7.36 4.85
N ASP A 21 1.88 -8.04 4.21
CA ASP A 21 3.21 -7.50 4.00
C ASP A 21 3.27 -6.95 2.61
N VAL A 22 3.70 -5.72 2.50
CA VAL A 22 3.69 -4.99 1.25
C VAL A 22 4.91 -4.09 1.13
N PHE A 23 5.17 -3.64 -0.07
CA PHE A 23 6.24 -2.70 -0.33
C PHE A 23 5.69 -1.30 -0.35
N ILE A 24 6.41 -0.37 0.24
CA ILE A 24 6.04 1.05 0.31
C ILE A 24 7.12 1.86 -0.33
N LYS A 25 6.72 2.56 -1.32
CA LYS A 25 7.57 3.40 -2.07
C LYS A 25 7.66 4.79 -1.46
N CYS A 26 8.85 5.28 -1.33
CA CYS A 26 9.09 6.63 -0.97
C CYS A 26 9.18 7.42 -2.27
N ASN A 27 9.28 8.71 -2.19
CA ASN A 27 9.23 9.58 -3.38
C ASN A 27 10.32 9.26 -4.40
N ASP A 28 11.49 8.87 -3.92
CA ASP A 28 12.61 8.55 -4.83
C ASP A 28 12.51 7.15 -5.43
N GLY A 29 11.43 6.46 -5.17
CA GLY A 29 11.27 5.12 -5.73
C GLY A 29 11.80 4.06 -4.82
N ARG A 30 12.18 4.48 -3.62
CA ARG A 30 12.75 3.57 -2.65
C ARG A 30 11.63 2.76 -2.04
N PHE A 31 11.75 1.47 -2.06
CA PHE A 31 10.75 0.62 -1.48
C PHE A 31 11.21 0.06 -0.16
N TYR A 32 10.32 0.10 0.77
CA TYR A 32 10.49 -0.46 2.08
C TYR A 32 9.44 -1.50 2.25
N LEU A 33 9.78 -2.65 2.73
CA LEU A 33 8.77 -3.67 2.94
C LEU A 33 8.24 -3.51 4.36
N GLY A 34 6.95 -3.54 4.51
CA GLY A 34 6.37 -3.40 5.81
C GLY A 34 5.05 -4.14 5.92
N THR A 35 4.56 -4.24 7.12
CA THR A 35 3.34 -4.93 7.43
C THR A 35 2.24 -3.90 7.76
N ILE A 36 1.09 -4.03 7.16
CA ILE A 36 -0.01 -3.08 7.40
C ILE A 36 -0.64 -3.34 8.77
N ILE A 37 -0.84 -2.28 9.52
CA ILE A 37 -1.44 -2.41 10.83
C ILE A 37 -2.80 -1.74 10.92
N ASP A 38 -3.02 -0.71 10.13
CA ASP A 38 -4.28 0.01 10.22
C ASP A 38 -4.56 0.61 8.85
N GLN A 39 -5.80 0.91 8.56
CA GLN A 39 -6.15 1.41 7.25
C GLN A 39 -7.20 2.49 7.32
N THR A 40 -7.10 3.44 6.43
CA THR A 40 -8.09 4.46 6.27
C THR A 40 -8.62 4.38 4.83
N SER A 41 -9.48 5.28 4.45
CA SER A 41 -9.98 5.29 3.10
C SER A 41 -8.91 5.90 2.15
N ASP A 42 -8.04 6.73 2.70
CA ASP A 42 -7.02 7.38 1.89
C ASP A 42 -5.68 6.72 2.01
N GLN A 43 -5.37 6.19 3.17
CA GLN A 43 -4.04 5.68 3.44
C GLN A 43 -4.05 4.38 4.20
N TYR A 44 -2.89 3.80 4.36
CA TYR A 44 -2.68 2.60 5.12
C TYR A 44 -1.50 2.80 6.06
N LEU A 45 -1.65 2.38 7.29
CA LEU A 45 -0.60 2.53 8.28
C LEU A 45 0.26 1.32 8.15
N ILE A 46 1.48 1.53 7.82
CA ILE A 46 2.41 0.44 7.61
C ILE A 46 3.44 0.43 8.70
N ARG A 47 3.70 -0.72 9.25
CA ARG A 47 4.72 -0.89 10.22
C ARG A 47 5.84 -1.64 9.57
N PHE A 48 6.94 -1.00 9.47
CA PHE A 48 8.08 -1.55 8.79
C PHE A 48 8.86 -2.47 9.70
N ASP A 49 9.91 -3.07 9.17
CA ASP A 49 10.75 -4.00 9.94
C ASP A 49 11.40 -3.29 11.10
N ASP A 50 11.65 -2.00 10.92
CA ASP A 50 12.27 -1.17 11.96
C ASP A 50 11.22 -0.63 12.93
N GLN A 51 10.02 -1.20 12.82
CA GLN A 51 8.88 -0.96 13.72
C GLN A 51 8.26 0.41 13.58
N SER A 52 8.66 1.15 12.59
CA SER A 52 8.11 2.45 12.35
C SER A 52 6.74 2.31 11.69
N GLU A 53 5.85 3.21 11.99
CA GLU A 53 4.53 3.19 11.43
C GLU A 53 4.38 4.44 10.58
N GLN A 54 3.93 4.29 9.37
CA GLN A 54 3.75 5.42 8.49
C GLN A 54 2.46 5.26 7.70
N TRP A 55 1.74 6.35 7.49
CA TRP A 55 0.52 6.30 6.70
C TRP A 55 0.88 6.55 5.26
N CYS A 56 0.75 5.52 4.48
CA CYS A 56 1.16 5.54 3.12
C CYS A 56 -0.04 5.38 2.19
N GLU A 57 0.03 6.01 1.03
CA GLU A 57 -1.03 5.93 0.02
C GLU A 57 -1.05 4.55 -0.58
N PRO A 58 -2.24 4.08 -1.00
CA PRO A 58 -2.41 2.76 -1.64
C PRO A 58 -1.52 2.57 -2.89
N ASP A 59 -1.19 3.68 -3.58
CA ASP A 59 -0.28 3.63 -4.75
C ASP A 59 1.17 3.38 -4.35
N LYS A 60 1.50 3.79 -3.14
CA LYS A 60 2.85 3.63 -2.62
C LYS A 60 3.04 2.20 -2.16
N LEU A 61 1.94 1.53 -1.98
CA LEU A 61 1.92 0.16 -1.55
C LEU A 61 1.86 -0.74 -2.75
N ARG A 62 2.58 -1.82 -2.68
CA ARG A 62 2.58 -2.83 -3.74
C ARG A 62 2.57 -4.18 -3.09
N LYS A 63 1.76 -5.11 -3.62
CA LYS A 63 1.72 -6.45 -3.06
C LYS A 63 3.00 -7.18 -3.39
N LEU A 64 3.36 -8.14 -2.59
CA LEU A 64 4.61 -8.87 -2.80
C LEU A 64 4.42 -9.97 -3.83
N GLY A 65 3.26 -10.55 -3.83
CA GLY A 65 2.99 -11.65 -4.73
C GLY A 65 1.87 -11.34 -5.67
N GLY A 66 1.94 -10.19 -6.29
CA GLY A 66 0.93 -9.78 -7.23
C GLY A 66 -0.28 -9.20 -6.53
N GLY A 67 -1.00 -10.04 -5.87
CA GLY A 67 -2.18 -9.63 -5.16
C GLY A 67 -2.13 -10.09 -3.73
N SER A 68 -3.23 -10.00 -3.05
CA SER A 68 -3.33 -10.39 -1.68
C SER A 68 -4.35 -11.50 -1.53
N SER A 69 -4.05 -12.46 -0.72
CA SER A 69 -4.97 -13.52 -0.48
C SER A 69 -5.65 -13.26 0.86
N GLY A 1 2.42 8.73 -17.32
CA GLY A 1 2.77 8.17 -16.02
C GLY A 1 1.53 7.67 -15.33
N ALA A 2 1.71 6.85 -14.28
CA ALA A 2 0.62 6.27 -13.46
C ALA A 2 -0.51 5.70 -14.33
N MET A 3 -0.35 4.47 -14.75
CA MET A 3 -1.34 3.84 -15.61
C MET A 3 -2.56 3.41 -14.80
N ALA A 4 -3.70 3.59 -15.39
CA ALA A 4 -4.94 3.18 -14.78
C ALA A 4 -5.63 2.22 -15.73
N PRO A 5 -5.59 0.92 -15.44
CA PRO A 5 -6.20 -0.09 -16.30
C PRO A 5 -7.73 -0.15 -16.14
N PRO A 6 -8.50 0.25 -17.18
CA PRO A 6 -9.96 0.21 -17.15
C PRO A 6 -10.45 -1.23 -17.05
N VAL A 7 -9.92 -2.08 -17.90
CA VAL A 7 -10.24 -3.49 -17.89
C VAL A 7 -8.96 -4.32 -17.81
N ALA A 8 -8.80 -4.96 -16.69
CA ALA A 8 -7.67 -5.81 -16.40
C ALA A 8 -7.98 -6.50 -15.10
N ALA A 9 -7.10 -7.38 -14.66
CA ALA A 9 -7.28 -8.05 -13.39
C ALA A 9 -7.27 -7.05 -12.21
N PRO A 10 -6.25 -6.17 -12.07
CA PRO A 10 -6.28 -5.15 -11.04
C PRO A 10 -6.97 -3.87 -11.54
N SER A 11 -7.41 -3.08 -10.63
CA SER A 11 -8.01 -1.82 -10.94
C SER A 11 -7.12 -0.72 -10.37
N PRO A 12 -7.23 0.53 -10.84
CA PRO A 12 -6.45 1.64 -10.27
C PRO A 12 -6.85 1.86 -8.81
N ALA A 13 -5.86 2.11 -7.96
CA ALA A 13 -6.03 2.30 -6.50
C ALA A 13 -6.69 1.07 -5.86
N VAL A 14 -5.87 0.11 -5.54
CA VAL A 14 -6.33 -1.14 -4.93
C VAL A 14 -6.44 -1.03 -3.44
N THR A 15 -7.10 -2.00 -2.85
CA THR A 15 -7.29 -2.03 -1.44
C THR A 15 -6.37 -3.06 -0.78
N TYR A 16 -6.09 -2.84 0.48
CA TYR A 16 -5.17 -3.66 1.25
C TYR A 16 -5.78 -4.06 2.58
N ALA A 17 -5.25 -5.12 3.16
CA ALA A 17 -5.73 -5.63 4.43
C ALA A 17 -4.61 -5.54 5.46
N LEU A 18 -4.99 -5.41 6.73
CA LEU A 18 -4.01 -5.35 7.82
C LEU A 18 -3.26 -6.65 7.93
N GLN A 19 -2.08 -6.60 8.53
CA GLN A 19 -1.20 -7.76 8.78
C GLN A 19 -0.58 -8.28 7.49
N GLU A 20 -0.87 -7.63 6.40
CA GLU A 20 -0.32 -7.99 5.12
C GLU A 20 0.99 -7.25 4.95
N ASP A 21 1.96 -7.92 4.37
CA ASP A 21 3.28 -7.34 4.16
C ASP A 21 3.35 -6.81 2.78
N VAL A 22 3.73 -5.59 2.63
CA VAL A 22 3.72 -4.90 1.36
C VAL A 22 4.90 -3.97 1.22
N PHE A 23 5.28 -3.69 -0.01
CA PHE A 23 6.34 -2.74 -0.28
C PHE A 23 5.73 -1.34 -0.37
N ILE A 24 6.42 -0.37 0.18
CA ILE A 24 5.98 1.04 0.21
C ILE A 24 7.00 1.92 -0.45
N LYS A 25 6.55 2.63 -1.43
CA LYS A 25 7.36 3.56 -2.14
C LYS A 25 7.38 4.91 -1.44
N CYS A 26 8.55 5.35 -1.14
CA CYS A 26 8.75 6.65 -0.56
C CYS A 26 8.95 7.65 -1.69
N ASN A 27 9.04 8.93 -1.35
CA ASN A 27 9.21 10.00 -2.35
C ASN A 27 10.49 9.80 -3.17
N ASP A 28 11.51 9.22 -2.55
CA ASP A 28 12.79 8.98 -3.22
C ASP A 28 12.69 7.82 -4.23
N GLY A 29 11.59 7.08 -4.17
CA GLY A 29 11.35 6.01 -5.10
C GLY A 29 11.74 4.66 -4.56
N ARG A 30 12.25 4.64 -3.35
CA ARG A 30 12.70 3.41 -2.73
C ARG A 30 11.51 2.70 -2.13
N PHE A 31 11.54 1.40 -2.17
CA PHE A 31 10.47 0.61 -1.62
C PHE A 31 10.91 -0.02 -0.31
N TYR A 32 10.09 0.14 0.68
CA TYR A 32 10.35 -0.41 1.99
C TYR A 32 9.29 -1.44 2.31
N LEU A 33 9.70 -2.61 2.69
CA LEU A 33 8.78 -3.69 3.03
C LEU A 33 8.31 -3.56 4.47
N GLY A 34 7.01 -3.43 4.65
CA GLY A 34 6.43 -3.31 5.97
C GLY A 34 5.11 -4.03 6.07
N THR A 35 4.57 -4.08 7.25
CA THR A 35 3.31 -4.75 7.54
C THR A 35 2.24 -3.69 7.84
N ILE A 36 1.06 -3.83 7.26
CA ILE A 36 -0.02 -2.86 7.51
C ILE A 36 -0.64 -3.08 8.89
N ILE A 37 -0.76 -2.02 9.66
CA ILE A 37 -1.35 -2.12 11.00
C ILE A 37 -2.72 -1.47 11.07
N ASP A 38 -2.94 -0.43 10.28
CA ASP A 38 -4.19 0.29 10.35
C ASP A 38 -4.53 0.80 8.97
N GLN A 39 -5.77 1.08 8.72
CA GLN A 39 -6.23 1.48 7.42
C GLN A 39 -7.28 2.57 7.53
N THR A 40 -7.26 3.47 6.60
CA THR A 40 -8.28 4.45 6.48
C THR A 40 -8.98 4.21 5.14
N SER A 41 -9.77 5.14 4.67
CA SER A 41 -10.42 4.95 3.40
C SER A 41 -9.46 5.11 2.24
N ASP A 42 -8.38 5.82 2.46
CA ASP A 42 -7.43 6.03 1.40
C ASP A 42 -6.07 5.50 1.76
N GLN A 43 -5.68 5.67 2.99
CA GLN A 43 -4.32 5.36 3.40
C GLN A 43 -4.23 4.12 4.23
N TYR A 44 -3.04 3.63 4.34
CA TYR A 44 -2.73 2.48 5.11
C TYR A 44 -1.52 2.78 6.00
N LEU A 45 -1.63 2.47 7.27
CA LEU A 45 -0.58 2.70 8.24
C LEU A 45 0.31 1.51 8.18
N ILE A 46 1.53 1.72 7.80
CA ILE A 46 2.44 0.62 7.61
C ILE A 46 3.52 0.65 8.67
N ARG A 47 3.76 -0.50 9.26
CA ARG A 47 4.80 -0.64 10.22
C ARG A 47 5.95 -1.32 9.55
N PHE A 48 7.03 -0.62 9.47
CA PHE A 48 8.20 -1.14 8.83
C PHE A 48 9.01 -1.95 9.82
N ASP A 49 10.11 -2.52 9.38
CA ASP A 49 10.93 -3.37 10.24
C ASP A 49 11.59 -2.56 11.34
N ASP A 50 11.66 -1.25 11.12
CA ASP A 50 12.22 -0.33 12.12
C ASP A 50 11.16 0.03 13.13
N GLN A 51 10.01 -0.64 13.01
CA GLN A 51 8.87 -0.48 13.92
C GLN A 51 8.30 0.94 13.83
N SER A 52 8.58 1.59 12.73
CA SER A 52 8.05 2.90 12.47
C SER A 52 6.75 2.72 11.71
N GLU A 53 5.81 3.59 11.96
CA GLU A 53 4.50 3.50 11.35
C GLU A 53 4.27 4.74 10.51
N GLN A 54 3.90 4.56 9.26
CA GLN A 54 3.64 5.70 8.36
C GLN A 54 2.35 5.47 7.60
N TRP A 55 1.63 6.53 7.33
CA TRP A 55 0.41 6.44 6.51
C TRP A 55 0.80 6.62 5.07
N CYS A 56 0.60 5.60 4.31
CA CYS A 56 1.00 5.58 2.95
C CYS A 56 -0.22 5.34 2.07
N GLU A 57 -0.24 5.98 0.92
CA GLU A 57 -1.32 5.83 -0.04
C GLU A 57 -1.22 4.51 -0.78
N PRO A 58 -2.36 4.00 -1.33
CA PRO A 58 -2.44 2.67 -1.92
C PRO A 58 -1.56 2.48 -3.17
N ASP A 59 -1.23 3.58 -3.86
CA ASP A 59 -0.34 3.52 -5.03
C ASP A 59 1.10 3.28 -4.60
N LYS A 60 1.40 3.54 -3.33
CA LYS A 60 2.74 3.37 -2.81
C LYS A 60 2.94 1.96 -2.32
N LEU A 61 1.86 1.28 -2.18
CA LEU A 61 1.85 -0.05 -1.68
C LEU A 61 1.77 -1.01 -2.82
N ARG A 62 2.52 -2.07 -2.75
CA ARG A 62 2.48 -3.11 -3.75
C ARG A 62 2.39 -4.45 -3.04
N LYS A 63 1.55 -5.36 -3.55
CA LYS A 63 1.42 -6.67 -2.94
C LYS A 63 2.67 -7.49 -3.23
N LEU A 64 3.03 -8.39 -2.34
CA LEU A 64 4.20 -9.21 -2.59
C LEU A 64 3.82 -10.35 -3.51
N GLY A 65 2.60 -10.81 -3.37
CA GLY A 65 2.10 -11.89 -4.14
C GLY A 65 0.65 -11.65 -4.43
N GLY A 66 0.18 -12.13 -5.54
CA GLY A 66 -1.17 -11.91 -5.92
C GLY A 66 -1.29 -10.66 -6.73
N GLY A 67 -1.72 -9.60 -6.11
CA GLY A 67 -1.87 -8.37 -6.82
C GLY A 67 -3.30 -7.94 -6.81
N SER A 68 -4.16 -8.82 -7.28
CA SER A 68 -5.57 -8.59 -7.23
C SER A 68 -6.06 -8.84 -5.80
N SER A 69 -5.27 -9.58 -5.08
CA SER A 69 -5.46 -9.87 -3.70
C SER A 69 -4.31 -9.19 -2.98
N GLY A 1 0.24 -2.34 -17.02
CA GLY A 1 -0.50 -1.58 -16.03
C GLY A 1 -0.92 -2.44 -14.88
N ALA A 2 -1.97 -3.26 -15.11
CA ALA A 2 -2.54 -4.16 -14.10
C ALA A 2 -3.13 -3.40 -12.92
N MET A 3 -4.41 -3.07 -13.05
CA MET A 3 -5.17 -2.30 -12.03
C MET A 3 -4.60 -0.87 -11.92
N ALA A 4 -4.00 -0.44 -13.01
CA ALA A 4 -3.42 0.88 -13.14
C ALA A 4 -3.87 1.47 -14.48
N PRO A 5 -4.53 2.63 -14.47
CA PRO A 5 -5.11 3.25 -15.67
C PRO A 5 -4.07 3.54 -16.78
N PRO A 6 -4.25 2.95 -17.99
CA PRO A 6 -3.38 3.20 -19.14
C PRO A 6 -3.49 4.66 -19.58
N VAL A 7 -4.72 5.12 -19.68
CA VAL A 7 -5.02 6.48 -20.04
C VAL A 7 -5.35 7.24 -18.76
N ALA A 8 -5.10 8.56 -18.75
CA ALA A 8 -5.37 9.44 -17.60
C ALA A 8 -6.77 9.23 -17.03
N ALA A 9 -6.83 8.85 -15.79
CA ALA A 9 -8.05 8.52 -15.10
C ALA A 9 -7.91 8.93 -13.63
N PRO A 10 -8.99 8.83 -12.81
CA PRO A 10 -8.93 9.03 -11.35
C PRO A 10 -7.88 8.12 -10.66
N SER A 11 -7.77 8.24 -9.38
CA SER A 11 -6.81 7.49 -8.61
C SER A 11 -7.35 6.06 -8.45
N PRO A 12 -6.55 5.03 -8.84
CA PRO A 12 -6.98 3.64 -8.75
C PRO A 12 -7.14 3.23 -7.29
N ALA A 13 -8.19 2.51 -7.01
CA ALA A 13 -8.46 2.16 -5.66
C ALA A 13 -8.24 0.69 -5.40
N VAL A 14 -7.03 0.39 -5.05
CA VAL A 14 -6.68 -0.93 -4.62
C VAL A 14 -6.89 -1.01 -3.14
N THR A 15 -7.06 -2.18 -2.65
CA THR A 15 -7.30 -2.37 -1.27
C THR A 15 -6.32 -3.33 -0.66
N TYR A 16 -6.12 -3.20 0.64
CA TYR A 16 -5.19 -4.01 1.38
C TYR A 16 -5.76 -4.42 2.74
N ALA A 17 -5.32 -5.56 3.23
CA ALA A 17 -5.75 -6.09 4.50
C ALA A 17 -4.63 -5.95 5.53
N LEU A 18 -5.00 -5.81 6.79
CA LEU A 18 -4.03 -5.68 7.86
C LEU A 18 -3.21 -6.94 8.04
N GLN A 19 -2.02 -6.76 8.61
CA GLN A 19 -1.04 -7.81 8.90
C GLN A 19 -0.47 -8.41 7.62
N GLU A 20 -0.64 -7.70 6.54
CA GLU A 20 -0.14 -8.11 5.28
C GLU A 20 1.14 -7.34 4.98
N ASP A 21 2.08 -8.02 4.37
CA ASP A 21 3.37 -7.44 4.05
C ASP A 21 3.31 -6.94 2.62
N VAL A 22 3.64 -5.69 2.45
CA VAL A 22 3.56 -5.00 1.17
C VAL A 22 4.73 -4.04 1.01
N PHE A 23 5.13 -3.77 -0.22
CA PHE A 23 6.17 -2.79 -0.47
C PHE A 23 5.57 -1.41 -0.53
N ILE A 24 6.26 -0.45 0.06
CA ILE A 24 5.87 0.97 0.08
C ILE A 24 6.97 1.78 -0.53
N LYS A 25 6.63 2.53 -1.52
CA LYS A 25 7.57 3.38 -2.16
C LYS A 25 7.62 4.74 -1.50
N CYS A 26 8.81 5.15 -1.15
CA CYS A 26 9.02 6.45 -0.61
C CYS A 26 9.26 7.41 -1.77
N ASN A 27 9.17 8.68 -1.49
CA ASN A 27 9.37 9.74 -2.49
C ASN A 27 10.77 9.70 -3.13
N ASP A 28 11.70 9.08 -2.43
CA ASP A 28 13.08 8.93 -2.94
C ASP A 28 13.16 7.77 -3.95
N GLY A 29 12.11 6.98 -4.02
CA GLY A 29 12.05 5.90 -4.96
C GLY A 29 12.31 4.55 -4.35
N ARG A 30 12.74 4.54 -3.10
CA ARG A 30 13.01 3.28 -2.44
C ARG A 30 11.74 2.61 -1.97
N PHE A 31 11.74 1.31 -2.05
CA PHE A 31 10.66 0.51 -1.57
C PHE A 31 11.04 -0.12 -0.27
N TYR A 32 10.16 0.00 0.66
CA TYR A 32 10.32 -0.54 1.96
C TYR A 32 9.23 -1.56 2.19
N LEU A 33 9.61 -2.74 2.60
CA LEU A 33 8.65 -3.79 2.84
C LEU A 33 8.10 -3.68 4.26
N GLY A 34 6.84 -3.40 4.37
CA GLY A 34 6.24 -3.23 5.66
C GLY A 34 4.98 -4.04 5.80
N THR A 35 4.49 -4.09 7.00
CA THR A 35 3.30 -4.83 7.34
C THR A 35 2.20 -3.82 7.75
N ILE A 36 1.03 -3.94 7.16
CA ILE A 36 -0.06 -3.00 7.42
C ILE A 36 -0.67 -3.24 8.80
N ILE A 37 -0.88 -2.18 9.53
CA ILE A 37 -1.48 -2.29 10.86
C ILE A 37 -2.86 -1.65 10.93
N ASP A 38 -3.10 -0.61 10.14
CA ASP A 38 -4.40 0.05 10.19
C ASP A 38 -4.74 0.60 8.83
N GLN A 39 -6.00 0.81 8.57
CA GLN A 39 -6.40 1.30 7.28
C GLN A 39 -7.43 2.39 7.41
N THR A 40 -7.34 3.34 6.55
CA THR A 40 -8.34 4.33 6.40
C THR A 40 -8.86 4.18 4.99
N SER A 41 -9.76 5.03 4.58
CA SER A 41 -10.29 4.93 3.26
C SER A 41 -9.31 5.48 2.21
N ASP A 42 -8.39 6.33 2.61
CA ASP A 42 -7.46 6.91 1.66
C ASP A 42 -6.03 6.49 1.90
N GLN A 43 -5.71 6.09 3.11
CA GLN A 43 -4.33 5.72 3.45
C GLN A 43 -4.24 4.46 4.30
N TYR A 44 -3.09 3.85 4.30
CA TYR A 44 -2.84 2.65 5.06
C TYR A 44 -1.66 2.87 5.99
N LEU A 45 -1.80 2.45 7.24
CA LEU A 45 -0.75 2.60 8.22
C LEU A 45 0.13 1.40 8.10
N ILE A 46 1.34 1.62 7.70
CA ILE A 46 2.26 0.53 7.47
C ILE A 46 3.35 0.54 8.52
N ARG A 47 3.60 -0.61 9.10
CA ARG A 47 4.67 -0.76 10.05
C ARG A 47 5.78 -1.43 9.34
N PHE A 48 6.83 -0.77 9.23
CA PHE A 48 7.96 -1.27 8.52
C PHE A 48 8.77 -2.21 9.37
N ASP A 49 9.81 -2.76 8.80
CA ASP A 49 10.69 -3.69 9.50
C ASP A 49 11.38 -2.96 10.66
N ASP A 50 11.58 -1.68 10.44
CA ASP A 50 12.24 -0.80 11.40
C ASP A 50 11.20 -0.28 12.43
N GLN A 51 10.02 -0.91 12.40
CA GLN A 51 8.92 -0.74 13.37
C GLN A 51 8.25 0.63 13.31
N SER A 52 8.59 1.43 12.34
CA SER A 52 7.95 2.72 12.18
C SER A 52 6.62 2.53 11.48
N GLU A 53 5.63 3.30 11.90
CA GLU A 53 4.31 3.21 11.34
C GLU A 53 3.97 4.50 10.65
N GLN A 54 3.67 4.41 9.38
CA GLN A 54 3.42 5.58 8.57
C GLN A 54 2.21 5.37 7.69
N TRP A 55 1.47 6.43 7.45
CA TRP A 55 0.29 6.39 6.62
C TRP A 55 0.72 6.64 5.19
N CYS A 56 0.58 5.63 4.38
CA CYS A 56 1.00 5.67 3.02
C CYS A 56 -0.20 5.50 2.10
N GLU A 57 -0.07 6.00 0.90
CA GLU A 57 -1.09 5.90 -0.13
C GLU A 57 -1.18 4.48 -0.64
N PRO A 58 -2.38 4.05 -1.07
CA PRO A 58 -2.58 2.73 -1.70
C PRO A 58 -1.74 2.64 -2.97
N ASP A 59 -1.47 3.81 -3.55
CA ASP A 59 -0.61 4.00 -4.72
C ASP A 59 0.84 3.57 -4.42
N LYS A 60 1.25 3.73 -3.17
CA LYS A 60 2.63 3.42 -2.80
C LYS A 60 2.78 2.00 -2.36
N LEU A 61 1.69 1.34 -2.18
CA LEU A 61 1.66 -0.01 -1.75
C LEU A 61 1.59 -0.93 -2.93
N ARG A 62 2.32 -2.00 -2.88
CA ARG A 62 2.36 -2.97 -3.95
C ARG A 62 2.21 -4.37 -3.37
N LYS A 63 1.31 -5.18 -3.95
CA LYS A 63 1.17 -6.58 -3.53
C LYS A 63 2.44 -7.32 -3.95
N LEU A 64 3.00 -8.11 -3.05
CA LEU A 64 4.31 -8.75 -3.28
C LEU A 64 4.19 -9.88 -4.29
N GLY A 65 3.08 -10.56 -4.26
CA GLY A 65 2.90 -11.70 -5.13
C GLY A 65 1.89 -11.44 -6.19
N GLY A 66 1.72 -10.18 -6.52
CA GLY A 66 0.77 -9.79 -7.54
C GLY A 66 -0.65 -9.73 -7.00
N GLY A 67 -1.13 -10.86 -6.53
CA GLY A 67 -2.44 -10.96 -6.00
C GLY A 67 -2.41 -11.63 -4.65
N SER A 68 -3.06 -11.02 -3.70
CA SER A 68 -3.12 -11.48 -2.33
C SER A 68 -4.26 -10.71 -1.68
N SER A 69 -5.34 -10.66 -2.43
CA SER A 69 -6.49 -9.83 -2.17
C SER A 69 -6.08 -8.37 -2.40
N GLY A 1 -12.49 -9.24 1.28
CA GLY A 1 -11.56 -8.78 0.26
C GLY A 1 -12.25 -7.82 -0.69
N ALA A 2 -11.44 -6.97 -1.33
CA ALA A 2 -11.89 -5.93 -2.28
C ALA A 2 -12.73 -4.84 -1.58
N MET A 3 -12.69 -3.65 -2.12
CA MET A 3 -13.48 -2.56 -1.56
C MET A 3 -14.13 -1.80 -2.69
N ALA A 4 -15.05 -0.96 -2.36
CA ALA A 4 -15.71 -0.13 -3.31
C ALA A 4 -15.77 1.26 -2.72
N PRO A 5 -15.79 2.31 -3.55
CA PRO A 5 -15.93 3.68 -3.06
C PRO A 5 -17.27 3.85 -2.33
N PRO A 6 -17.25 4.34 -1.06
CA PRO A 6 -18.46 4.52 -0.24
C PRO A 6 -19.54 5.28 -1.01
N VAL A 7 -19.16 6.44 -1.50
CA VAL A 7 -20.00 7.20 -2.37
C VAL A 7 -19.43 7.00 -3.76
N ALA A 8 -20.25 6.66 -4.71
CA ALA A 8 -19.78 6.41 -6.06
C ALA A 8 -19.50 7.70 -6.80
N ALA A 9 -18.32 8.21 -6.59
CA ALA A 9 -17.82 9.42 -7.22
C ALA A 9 -16.29 9.35 -7.38
N PRO A 10 -15.51 9.06 -6.27
CA PRO A 10 -14.06 8.82 -6.37
C PRO A 10 -13.80 7.55 -7.19
N SER A 11 -12.58 7.37 -7.58
CA SER A 11 -12.20 6.27 -8.39
C SER A 11 -11.85 5.04 -7.53
N PRO A 12 -12.37 3.86 -7.90
CA PRO A 12 -12.03 2.59 -7.22
C PRO A 12 -10.54 2.28 -7.39
N ALA A 13 -9.95 1.63 -6.42
CA ALA A 13 -8.57 1.37 -6.42
C ALA A 13 -8.30 0.08 -5.66
N VAL A 14 -7.06 -0.14 -5.40
CA VAL A 14 -6.59 -1.31 -4.67
C VAL A 14 -6.88 -1.15 -3.19
N THR A 15 -6.93 -2.24 -2.50
CA THR A 15 -7.23 -2.23 -1.10
C THR A 15 -6.31 -3.21 -0.40
N TYR A 16 -6.08 -2.99 0.86
CA TYR A 16 -5.21 -3.82 1.63
C TYR A 16 -5.79 -4.08 3.01
N ALA A 17 -5.39 -5.17 3.61
CA ALA A 17 -5.84 -5.56 4.93
C ALA A 17 -4.73 -5.42 5.92
N LEU A 18 -5.06 -5.41 7.19
CA LEU A 18 -4.03 -5.38 8.23
C LEU A 18 -3.25 -6.68 8.22
N GLN A 19 -2.04 -6.62 8.79
CA GLN A 19 -1.14 -7.80 8.94
C GLN A 19 -0.58 -8.26 7.58
N GLU A 20 -0.87 -7.48 6.57
CA GLU A 20 -0.46 -7.74 5.23
C GLU A 20 0.92 -7.13 5.02
N ASP A 21 1.83 -7.91 4.49
CA ASP A 21 3.16 -7.40 4.17
C ASP A 21 3.15 -6.91 2.76
N VAL A 22 3.53 -5.69 2.56
CA VAL A 22 3.48 -5.03 1.28
C VAL A 22 4.68 -4.13 1.11
N PHE A 23 5.01 -3.83 -0.13
CA PHE A 23 6.08 -2.91 -0.42
C PHE A 23 5.53 -1.51 -0.49
N ILE A 24 6.27 -0.56 0.06
CA ILE A 24 5.89 0.85 0.07
C ILE A 24 6.98 1.65 -0.57
N LYS A 25 6.61 2.40 -1.55
CA LYS A 25 7.51 3.27 -2.21
C LYS A 25 7.48 4.62 -1.54
N CYS A 26 8.63 5.11 -1.21
CA CYS A 26 8.72 6.41 -0.64
C CYS A 26 9.07 7.39 -1.76
N ASN A 27 9.06 8.68 -1.49
CA ASN A 27 9.35 9.68 -2.53
C ASN A 27 10.80 9.57 -3.00
N ASP A 28 11.61 8.91 -2.18
CA ASP A 28 13.01 8.64 -2.47
C ASP A 28 13.15 7.57 -3.56
N GLY A 29 12.05 6.90 -3.87
CA GLY A 29 12.00 5.95 -4.94
C GLY A 29 12.37 4.54 -4.55
N ARG A 30 12.56 4.28 -3.28
CA ARG A 30 12.84 2.93 -2.82
C ARG A 30 11.58 2.27 -2.34
N PHE A 31 11.59 0.95 -2.33
CA PHE A 31 10.51 0.20 -1.78
C PHE A 31 10.93 -0.39 -0.45
N TYR A 32 10.10 -0.17 0.51
CA TYR A 32 10.31 -0.63 1.85
C TYR A 32 9.23 -1.64 2.17
N LEU A 33 9.61 -2.81 2.58
CA LEU A 33 8.65 -3.85 2.90
C LEU A 33 8.19 -3.72 4.34
N GLY A 34 6.90 -3.54 4.52
CA GLY A 34 6.35 -3.38 5.83
C GLY A 34 5.06 -4.12 6.01
N THR A 35 4.59 -4.20 7.22
CA THR A 35 3.36 -4.86 7.56
C THR A 35 2.30 -3.80 7.92
N ILE A 36 1.12 -3.88 7.35
CA ILE A 36 0.04 -2.92 7.62
C ILE A 36 -0.51 -3.11 9.03
N ILE A 37 -0.63 -2.04 9.77
CA ILE A 37 -1.18 -2.09 11.13
C ILE A 37 -2.54 -1.46 11.24
N ASP A 38 -2.78 -0.43 10.44
CA ASP A 38 -4.07 0.23 10.49
C ASP A 38 -4.38 0.72 9.12
N GLN A 39 -5.61 0.83 8.79
CA GLN A 39 -5.99 1.26 7.48
C GLN A 39 -7.03 2.33 7.57
N THR A 40 -7.21 3.02 6.49
CA THR A 40 -8.24 3.99 6.34
C THR A 40 -8.75 3.86 4.92
N SER A 41 -9.69 4.69 4.53
CA SER A 41 -10.24 4.64 3.21
C SER A 41 -9.30 5.21 2.16
N ASP A 42 -8.26 5.89 2.60
CA ASP A 42 -7.40 6.57 1.66
C ASP A 42 -5.92 6.31 1.93
N GLN A 43 -5.60 5.90 3.15
CA GLN A 43 -4.22 5.65 3.51
C GLN A 43 -4.08 4.34 4.27
N TYR A 44 -2.88 3.85 4.35
CA TYR A 44 -2.57 2.64 5.09
C TYR A 44 -1.37 2.89 5.99
N LEU A 45 -1.50 2.51 7.25
CA LEU A 45 -0.45 2.69 8.23
C LEU A 45 0.43 1.49 8.17
N ILE A 46 1.64 1.67 7.75
CA ILE A 46 2.53 0.56 7.54
C ILE A 46 3.65 0.57 8.58
N ARG A 47 3.93 -0.58 9.14
CA ARG A 47 5.00 -0.76 10.08
C ARG A 47 6.14 -1.43 9.36
N PHE A 48 7.21 -0.74 9.28
CA PHE A 48 8.38 -1.22 8.58
C PHE A 48 9.27 -2.03 9.49
N ASP A 49 10.35 -2.54 8.94
CA ASP A 49 11.31 -3.38 9.68
C ASP A 49 12.01 -2.57 10.77
N ASP A 50 12.04 -1.26 10.56
CA ASP A 50 12.59 -0.30 11.52
C ASP A 50 11.52 0.06 12.59
N GLN A 51 10.41 -0.66 12.55
CA GLN A 51 9.29 -0.56 13.51
C GLN A 51 8.55 0.77 13.43
N SER A 52 8.86 1.56 12.44
CA SER A 52 8.23 2.84 12.25
C SER A 52 6.91 2.67 11.52
N GLU A 53 5.97 3.54 11.83
CA GLU A 53 4.66 3.50 11.23
C GLU A 53 4.47 4.76 10.39
N GLN A 54 3.92 4.62 9.22
CA GLN A 54 3.67 5.75 8.34
C GLN A 54 2.40 5.51 7.54
N TRP A 55 1.64 6.57 7.30
CA TRP A 55 0.44 6.48 6.48
C TRP A 55 0.85 6.70 5.05
N CYS A 56 0.73 5.68 4.29
CA CYS A 56 1.15 5.69 2.92
C CYS A 56 -0.07 5.53 2.03
N GLU A 57 0.04 6.02 0.82
CA GLU A 57 -1.02 5.90 -0.17
C GLU A 57 -1.06 4.49 -0.69
N PRO A 58 -2.25 4.05 -1.13
CA PRO A 58 -2.43 2.75 -1.79
C PRO A 58 -1.58 2.67 -3.08
N ASP A 59 -1.26 3.85 -3.60
CA ASP A 59 -0.37 4.04 -4.75
C ASP A 59 1.06 3.56 -4.45
N LYS A 60 1.45 3.71 -3.21
CA LYS A 60 2.80 3.36 -2.81
C LYS A 60 2.91 1.92 -2.40
N LEU A 61 1.77 1.31 -2.17
CA LEU A 61 1.69 -0.06 -1.73
C LEU A 61 1.57 -0.99 -2.88
N ARG A 62 2.33 -2.05 -2.85
CA ARG A 62 2.30 -3.08 -3.88
C ARG A 62 2.20 -4.42 -3.20
N LYS A 63 1.39 -5.30 -3.75
CA LYS A 63 1.23 -6.64 -3.19
C LYS A 63 2.48 -7.46 -3.45
N LEU A 64 2.77 -8.38 -2.58
CA LEU A 64 3.91 -9.25 -2.78
C LEU A 64 3.53 -10.36 -3.74
N GLY A 65 2.27 -10.76 -3.67
CA GLY A 65 1.76 -11.81 -4.50
C GLY A 65 0.90 -11.30 -5.62
N GLY A 66 -0.37 -11.61 -5.56
CA GLY A 66 -1.32 -11.20 -6.58
C GLY A 66 -1.62 -9.72 -6.50
N GLY A 67 -0.92 -8.96 -7.28
CA GLY A 67 -1.14 -7.54 -7.32
C GLY A 67 0.15 -6.79 -7.46
N SER A 68 1.06 -7.37 -8.18
CA SER A 68 2.30 -6.74 -8.46
C SER A 68 2.08 -5.92 -9.73
N SER A 69 2.07 -4.64 -9.57
CA SER A 69 1.83 -3.74 -10.65
C SER A 69 2.77 -2.59 -10.51
#